data_5B55
#
_entry.id   5B55
#
_cell.length_a   191.046
_cell.length_b   57.127
_cell.length_c   94.293
_cell.angle_alpha   90.00
_cell.angle_beta   100.89
_cell.angle_gamma   90.00
#
_symmetry.space_group_name_H-M   'C 1 2 1'
#
loop_
_entity.id
_entity.type
_entity.pdbx_description
1 polymer 'Cysteine synthase'
2 non-polymer "PYRIDOXAL-5'-PHOSPHATE"
3 non-polymer '2-{[(E)-{3-hydroxy-2-methyl-5-[(phosphonooxy)methyl]pyridin-4-yl}methylidene]amino}prop-2-enoic acid'
4 non-polymer DI(HYDROXYETHYL)ETHER
5 water water
#
_entity_poly.entity_id   1
_entity_poly.type   'polypeptide(L)'
_entity_poly.pdbx_seq_one_letter_code
;GPLGSEQ(MLY)(MLY)M(MLY)YLENLVG(MLY)TPMLELIFDY(MLY)GEERRIFV(MLY)NESYNLTGSIKDRMAFY
TL(MLY)(MLY)AYE(MLY)NEI(MLY)(MLY)GAPIVEATSGNTGIAFSAMGAILGHPVIIYMPDWMSEER(MLY)SLI
RSFGA(MLY)IILVSR(MLY)EGGFLGSIE(MLY)T(MLY)EFA(MLY)NNPDTYLPSQFSNLYNSEAHYYGIGLEIVNE
M(MLY)SLNLNIDGFVAGVGTGGTVMGIG(MLY)RI(MLY)ENFSNA(MLY)ICPLEPLNSPTLSTGY(MLY)VA(MLY)
HRIEGISNEFIPDLV(MLY)LD(MLY)LDNVVSVDDGDAIVMAQ(MLY)LA(MLY)CGLGVGISSGANFIGALMLQN
(MLY)LG(MLY)DSVIVTVFPDDN(MLY)(MLY)YLSTDLMREE(MLY)V(MLY)EDFLS(MLY)DITL(MLY)EI
(MLY)NVLRVI
;
_entity_poly.pdbx_strand_id   A,B
#
loop_
_chem_comp.id
_chem_comp.type
_chem_comp.name
_chem_comp.formula
0JO non-polymer '2-{[(E)-{3-hydroxy-2-methyl-5-[(phosphonooxy)methyl]pyridin-4-yl}methylidene]amino}prop-2-enoic acid' 'C11 H13 N2 O7 P'
PEG non-polymer DI(HYDROXYETHYL)ETHER 'C4 H10 O3'
PLP non-polymer PYRIDOXAL-5'-PHOSPHATE 'C8 H10 N O6 P'
#
# COMPACT_ATOMS: atom_id res chain seq x y z
N GLN A 7 -8.76 -16.13 19.05
CA GLN A 7 -9.25 -14.95 19.84
C GLN A 7 -8.07 -14.07 20.29
N MLY A 8 -7.06 -14.74 20.81
CA MLY A 8 -5.73 -14.19 21.07
CB MLY A 8 -4.88 -15.21 21.90
CG MLY A 8 -5.52 -16.11 23.01
CD MLY A 8 -6.74 -17.01 22.74
CE MLY A 8 -6.68 -17.90 21.50
NZ MLY A 8 -6.17 -19.28 21.69
C MLY A 8 -5.09 -13.84 19.68
O MLY A 8 -4.45 -12.79 19.49
N MLY A 9 -5.32 -14.74 18.71
CA MLY A 9 -4.94 -14.55 17.30
CB MLY A 9 -5.36 -15.78 16.48
CG MLY A 9 -5.01 -15.69 15.02
CD MLY A 9 -5.22 -17.00 14.27
CE MLY A 9 -3.91 -17.66 13.85
NZ MLY A 9 -4.11 -18.71 12.81
C MLY A 9 -5.57 -13.25 16.76
O MLY A 9 -4.87 -12.42 16.21
N MET A 10 -6.87 -13.07 16.98
CA MET A 10 -7.55 -11.91 16.45
C MET A 10 -7.03 -10.65 17.07
N MLY A 11 -6.61 -10.71 18.34
CA MLY A 11 -6.03 -9.56 18.96
CB MLY A 11 -5.73 -9.78 20.45
CG MLY A 11 -5.16 -8.57 21.20
CD MLY A 11 -6.26 -7.71 21.81
CE MLY A 11 -5.74 -6.32 22.30
NZ MLY A 11 -6.64 -5.15 21.99
C MLY A 11 -4.75 -9.12 18.18
O MLY A 11 -4.64 -7.97 17.89
N TYR A 12 -3.83 -10.02 17.86
CA TYR A 12 -2.58 -9.56 17.20
C TYR A 12 -2.83 -9.24 15.67
N LEU A 13 -3.76 -9.96 15.05
CA LEU A 13 -4.01 -9.75 13.63
C LEU A 13 -4.60 -8.37 13.30
N GLU A 14 -5.28 -7.76 14.26
CA GLU A 14 -5.74 -6.40 14.15
CA GLU A 14 -5.74 -6.39 14.13
C GLU A 14 -4.63 -5.36 13.90
N ASN A 15 -3.39 -5.67 14.30
CA ASN A 15 -2.26 -4.82 14.01
C ASN A 15 -1.95 -4.71 12.49
N LEU A 16 -2.58 -5.54 11.64
CA LEU A 16 -2.42 -5.46 10.19
C LEU A 16 -3.38 -4.49 9.52
N VAL A 17 -4.37 -3.97 10.26
CA VAL A 17 -5.35 -3.04 9.72
C VAL A 17 -5.49 -1.78 10.59
N GLY A 18 -5.92 -0.69 9.97
CA GLY A 18 -6.26 0.48 10.68
C GLY A 18 -5.07 1.29 11.13
N MLY A 19 -5.39 2.21 12.02
CA MLY A 19 -4.42 3.18 12.59
CB MLY A 19 -3.40 2.50 13.53
CG MLY A 19 -3.95 1.49 14.53
CD MLY A 19 -4.82 2.18 15.54
CE MLY A 19 -5.15 1.29 16.80
NZ MLY A 19 -6.36 1.89 17.55
CH1 MLY A 19 -6.67 1.10 18.79
CH2 MLY A 19 -6.08 3.33 17.91
C MLY A 19 -3.72 3.99 11.48
O MLY A 19 -2.50 4.13 11.45
N THR A 20 -4.51 4.49 10.55
CA THR A 20 -4.01 5.08 9.33
C THR A 20 -3.84 6.58 9.53
N PRO A 21 -3.02 7.22 8.68
CA PRO A 21 -2.92 8.69 8.80
C PRO A 21 -4.20 9.45 8.53
N MET A 22 -4.43 10.50 9.33
CA MET A 22 -5.37 11.52 9.04
C MET A 22 -4.59 12.68 8.53
N LEU A 23 -4.98 13.15 7.37
CA LEU A 23 -4.33 14.28 6.74
C LEU A 23 -5.21 15.53 6.82
N GLU A 24 -4.58 16.68 7.03
CA GLU A 24 -5.25 17.97 6.81
C GLU A 24 -4.73 18.53 5.51
N LEU A 25 -5.62 18.62 4.52
CA LEU A 25 -5.24 19.08 3.21
C LEU A 25 -5.74 20.50 2.96
N ILE A 26 -4.82 21.43 2.74
CA ILE A 26 -5.18 22.85 2.49
C ILE A 26 -5.19 23.03 0.99
N PHE A 27 -6.18 23.78 0.49
CA PHE A 27 -6.25 24.04 -0.95
C PHE A 27 -6.92 25.39 -1.17
N ASP A 28 -6.76 25.93 -2.36
CA ASP A 28 -7.42 27.15 -2.76
C ASP A 28 -8.63 26.76 -3.65
N TYR A 29 -9.79 27.34 -3.37
CA TYR A 29 -10.98 27.14 -4.18
C TYR A 29 -11.56 28.54 -4.37
N MLY A 30 -11.54 29.05 -5.59
CA MLY A 30 -12.03 30.45 -5.86
CB MLY A 30 -13.59 30.45 -6.03
CG MLY A 30 -14.04 29.74 -7.38
CD MLY A 30 -15.48 29.37 -7.35
CE MLY A 30 -16.05 28.83 -8.69
NZ MLY A 30 -16.16 29.89 -9.81
CH1 MLY A 30 -15.29 29.53 -10.95
CH2 MLY A 30 -17.57 30.01 -10.25
C MLY A 30 -11.52 31.50 -4.88
O MLY A 30 -12.26 32.27 -4.30
N GLY A 31 -10.21 31.48 -4.66
CA GLY A 31 -9.50 32.53 -3.95
C GLY A 31 -9.63 32.32 -2.44
N GLU A 32 -10.35 31.31 -1.98
CA GLU A 32 -10.42 31.11 -0.55
C GLU A 32 -9.51 29.95 -0.15
N GLU A 33 -8.94 30.09 1.02
CA GLU A 33 -8.20 29.00 1.61
C GLU A 33 -9.19 28.02 2.30
N ARG A 34 -9.10 26.79 1.93
CA ARG A 34 -10.01 25.75 2.44
C ARG A 34 -9.18 24.64 3.01
N ARG A 35 -9.74 23.90 3.94
CA ARG A 35 -9.12 22.68 4.36
C ARG A 35 -10.15 21.57 4.57
N ILE A 36 -9.70 20.35 4.35
CA ILE A 36 -10.53 19.13 4.39
C ILE A 36 -9.67 18.03 5.04
N PHE A 37 -10.29 17.21 5.88
CA PHE A 37 -9.61 16.19 6.62
C PHE A 37 -9.89 14.85 6.00
N VAL A 38 -8.84 14.06 5.77
CA VAL A 38 -8.98 12.80 5.06
CA VAL A 38 -8.99 12.80 5.05
C VAL A 38 -8.20 11.65 5.68
N MLY A 39 -8.83 10.47 5.76
CA MLY A 39 -8.15 9.26 6.19
CB MLY A 39 -9.06 8.32 6.96
CG MLY A 39 -9.53 8.87 8.31
CD MLY A 39 -8.46 8.82 9.41
CE MLY A 39 -8.37 7.45 10.02
NZ MLY A 39 -7.30 7.33 11.03
C MLY A 39 -7.52 8.55 4.97
O MLY A 39 -8.21 8.27 3.96
N ASN A 40 -6.24 8.27 5.08
CA ASN A 40 -5.50 7.61 4.00
C ASN A 40 -5.50 6.09 4.19
N GLU A 41 -6.45 5.41 3.52
CA GLU A 41 -6.69 4.00 3.80
C GLU A 41 -5.86 3.01 2.99
N SER A 42 -4.84 3.52 2.30
CA SER A 42 -3.88 2.63 1.66
C SER A 42 -2.99 1.88 2.68
N TYR A 43 -2.89 2.43 3.91
CA TYR A 43 -2.00 1.93 4.90
C TYR A 43 -2.60 0.72 5.68
N ASN A 44 -2.85 -0.33 4.91
CA ASN A 44 -3.62 -1.48 5.33
C ASN A 44 -3.09 -2.69 4.61
N LEU A 45 -3.33 -3.87 5.18
CA LEU A 45 -2.85 -5.16 4.65
C LEU A 45 -2.80 -5.28 3.11
N THR A 46 -3.92 -5.07 2.45
CA THR A 46 -3.98 -5.17 0.97
C THR A 46 -4.18 -3.83 0.31
N GLY A 47 -3.99 -2.75 1.07
CA GLY A 47 -4.06 -1.41 0.54
C GLY A 47 -5.41 -0.68 0.48
N SER A 48 -6.41 -1.11 1.22
CA SER A 48 -7.71 -0.45 1.15
C SER A 48 -8.42 -0.51 2.51
N ILE A 49 -9.37 0.40 2.65
CA ILE A 49 -10.27 0.47 3.75
C ILE A 49 -11.00 -0.84 4.01
N LYS A 50 -11.13 -1.67 2.97
CA LYS A 50 -11.87 -2.93 3.07
CA LYS A 50 -11.86 -2.93 3.08
C LYS A 50 -11.16 -3.94 3.94
N ASP A 51 -9.83 -3.80 4.10
CA ASP A 51 -9.18 -4.70 5.05
C ASP A 51 -9.77 -4.64 6.45
N ARG A 52 -10.19 -3.43 6.89
CA ARG A 52 -10.74 -3.24 8.21
C ARG A 52 -12.03 -4.03 8.35
N MET A 53 -12.83 -3.95 7.30
CA MET A 53 -14.12 -4.56 7.26
C MET A 53 -14.07 -6.09 7.17
N ALA A 54 -13.18 -6.60 6.37
CA ALA A 54 -13.04 -8.05 6.25
C ALA A 54 -12.52 -8.65 7.54
N PHE A 55 -11.51 -7.99 8.15
CA PHE A 55 -10.98 -8.46 9.38
C PHE A 55 -12.11 -8.46 10.43
N TYR A 56 -12.85 -7.35 10.55
CA TYR A 56 -13.88 -7.24 11.57
C TYR A 56 -14.97 -8.31 11.40
N THR A 57 -15.40 -8.48 10.14
CA THR A 57 -16.45 -9.41 9.79
C THR A 57 -16.07 -10.85 10.22
N LEU A 58 -14.86 -11.27 9.87
CA LEU A 58 -14.43 -12.61 10.20
C LEU A 58 -14.18 -12.78 11.70
N MLY A 59 -13.61 -11.77 12.35
CA MLY A 59 -13.46 -11.81 13.80
CB MLY A 59 -12.76 -10.54 14.31
CG MLY A 59 -12.69 -10.43 15.83
CD MLY A 59 -12.05 -9.09 16.24
CE MLY A 59 -11.81 -9.00 17.75
NZ MLY A 59 -11.58 -7.58 18.16
C MLY A 59 -14.80 -12.00 14.54
O MLY A 59 -14.89 -12.82 15.47
N MLY A 60 -15.82 -11.24 14.17
CA MLY A 60 -17.10 -11.39 14.75
CB MLY A 60 -18.05 -10.21 14.42
CG MLY A 60 -19.26 -10.23 15.31
CD MLY A 60 -20.28 -9.05 15.15
CE MLY A 60 -20.25 -8.09 16.36
NZ MLY A 60 -21.41 -7.54 17.16
CH1 MLY A 60 -22.67 -7.61 16.38
CH2 MLY A 60 -21.14 -6.16 17.54
C MLY A 60 -17.77 -12.73 14.39
O MLY A 60 -18.38 -13.37 15.24
N ALA A 61 -17.64 -13.15 13.17
CA ALA A 61 -18.15 -14.44 12.74
C ALA A 61 -17.55 -15.60 13.56
N TYR A 62 -16.24 -15.57 13.79
CA TYR A 62 -15.52 -16.50 14.67
C TYR A 62 -16.10 -16.49 16.10
N GLU A 63 -16.21 -15.30 16.67
CA GLU A 63 -16.75 -15.12 18.00
C GLU A 63 -18.16 -15.72 18.15
N MLY A 64 -19.02 -15.53 17.14
CA MLY A 64 -20.39 -16.02 17.20
CB MLY A 64 -21.32 -15.00 16.52
CG MLY A 64 -21.29 -13.61 17.16
CD MLY A 64 -22.36 -13.48 18.21
CE MLY A 64 -23.72 -13.39 17.51
NZ MLY A 64 -24.75 -12.79 18.37
C MLY A 64 -20.57 -17.40 16.58
O MLY A 64 -21.69 -17.77 16.31
N ASN A 65 -19.49 -18.13 16.30
CA ASN A 65 -19.56 -19.46 15.71
C ASN A 65 -20.36 -19.54 14.42
N GLU A 66 -20.22 -18.51 13.56
CA GLU A 66 -20.95 -18.44 12.27
C GLU A 66 -20.14 -18.99 11.09
N ILE A 67 -18.94 -19.44 11.37
CA ILE A 67 -18.10 -19.99 10.32
C ILE A 67 -17.32 -21.16 10.94
N MLY A 68 -17.24 -22.24 10.21
CA MLY A 68 -16.48 -23.41 10.58
CB MLY A 68 -17.11 -24.69 9.99
CG MLY A 68 -18.51 -25.03 10.48
CD MLY A 68 -18.89 -26.39 9.90
CE MLY A 68 -20.28 -26.76 10.32
NZ MLY A 68 -20.61 -28.18 9.97
C MLY A 68 -15.07 -23.31 10.06
O MLY A 68 -14.77 -22.60 9.07
N MLY A 69 -14.20 -24.09 10.70
CA MLY A 69 -12.79 -24.18 10.32
CB MLY A 69 -12.08 -25.18 11.22
CG MLY A 69 -10.57 -25.29 10.99
CD MLY A 69 -10.02 -26.53 11.66
CE MLY A 69 -8.56 -26.77 11.35
NZ MLY A 69 -7.65 -25.70 11.88
C MLY A 69 -12.70 -24.68 8.91
O MLY A 69 -13.41 -25.64 8.54
N GLY A 70 -11.86 -24.03 8.11
CA GLY A 70 -11.73 -24.40 6.69
C GLY A 70 -12.94 -24.14 5.80
N ALA A 71 -14.01 -23.53 6.30
CA ALA A 71 -15.20 -23.27 5.47
C ALA A 71 -14.86 -22.27 4.35
N PRO A 72 -15.45 -22.42 3.18
CA PRO A 72 -15.18 -21.41 2.14
C PRO A 72 -15.87 -20.06 2.45
N ILE A 73 -15.15 -19.02 2.16
CA ILE A 73 -15.66 -17.64 2.24
C ILE A 73 -15.96 -17.22 0.80
N VAL A 74 -17.20 -16.85 0.54
CA VAL A 74 -17.67 -16.56 -0.80
C VAL A 74 -18.37 -15.17 -0.84
N GLU A 75 -17.95 -14.35 -1.80
CA GLU A 75 -18.34 -12.96 -1.80
C GLU A 75 -18.40 -12.41 -3.21
N ALA A 76 -19.26 -11.40 -3.40
CA ALA A 76 -19.29 -10.69 -4.65
C ALA A 76 -18.75 -9.29 -4.41
N THR A 77 -17.95 -8.78 -5.36
CA THR A 77 -17.15 -7.61 -5.10
C THR A 77 -16.96 -6.77 -6.34
N SER A 78 -16.74 -5.46 -6.13
CA SER A 78 -16.19 -4.60 -7.15
C SER A 78 -14.65 -4.64 -7.17
N GLY A 79 -14.00 -5.35 -6.25
CA GLY A 79 -12.55 -5.50 -6.25
C GLY A 79 -11.97 -5.55 -4.84
N ASN A 80 -12.02 -4.45 -4.09
CA ASN A 80 -11.24 -4.38 -2.84
C ASN A 80 -11.65 -5.35 -1.75
N THR A 81 -12.97 -5.52 -1.56
CA THR A 81 -13.51 -6.40 -0.58
C THR A 81 -13.14 -7.83 -0.93
N GLY A 82 -13.16 -8.17 -2.22
CA GLY A 82 -12.66 -9.48 -2.68
C GLY A 82 -11.18 -9.71 -2.36
N ILE A 83 -10.40 -8.68 -2.61
CA ILE A 83 -8.98 -8.72 -2.30
C ILE A 83 -8.82 -8.91 -0.81
N ALA A 84 -9.54 -8.10 -0.03
CA ALA A 84 -9.42 -8.12 1.44
C ALA A 84 -9.78 -9.46 2.06
N PHE A 85 -10.92 -10.03 1.62
CA PHE A 85 -11.32 -11.39 2.08
C PHE A 85 -10.42 -12.48 1.60
N SER A 86 -9.87 -12.31 0.41
CA SER A 86 -8.93 -13.27 -0.08
C SER A 86 -7.67 -13.36 0.78
N ALA A 87 -7.09 -12.20 1.13
CA ALA A 87 -5.92 -12.15 2.01
C ALA A 87 -6.21 -12.65 3.40
N MET A 88 -7.26 -12.11 4.01
CA MET A 88 -7.56 -12.44 5.41
C MET A 88 -8.08 -13.89 5.55
N GLY A 89 -8.90 -14.32 4.61
CA GLY A 89 -9.21 -15.71 4.51
C GLY A 89 -8.03 -16.65 4.37
N ALA A 90 -7.07 -16.32 3.54
CA ALA A 90 -5.88 -17.12 3.43
C ALA A 90 -5.11 -17.19 4.78
N ILE A 91 -4.97 -16.07 5.48
CA ILE A 91 -4.31 -16.02 6.72
C ILE A 91 -4.99 -16.98 7.73
N LEU A 92 -6.32 -17.01 7.71
CA LEU A 92 -7.10 -17.78 8.65
C LEU A 92 -7.41 -19.20 8.18
N GLY A 93 -6.88 -19.60 7.04
CA GLY A 93 -6.98 -21.00 6.58
C GLY A 93 -8.24 -21.32 5.81
N HIS A 94 -8.91 -20.30 5.24
CA HIS A 94 -10.09 -20.52 4.41
C HIS A 94 -9.85 -20.44 2.90
N PRO A 95 -10.44 -21.41 2.13
CA PRO A 95 -10.61 -21.17 0.70
C PRO A 95 -11.51 -19.96 0.49
N VAL A 96 -11.22 -19.19 -0.55
CA VAL A 96 -12.00 -18.04 -0.88
C VAL A 96 -12.45 -18.12 -2.33
N ILE A 97 -13.70 -17.79 -2.56
CA ILE A 97 -14.25 -17.76 -3.94
C ILE A 97 -14.92 -16.40 -4.16
N ILE A 98 -14.52 -15.70 -5.20
CA ILE A 98 -14.95 -14.34 -5.45
C ILE A 98 -15.60 -14.26 -6.81
N TYR A 99 -16.81 -13.72 -6.85
CA TYR A 99 -17.50 -13.34 -8.09
C TYR A 99 -17.49 -11.84 -8.30
N MET A 100 -17.04 -11.41 -9.47
CA MET A 100 -16.73 -10.01 -9.72
C MET A 100 -17.14 -9.68 -11.17
N PRO A 101 -17.80 -8.51 -11.40
CA PRO A 101 -18.03 -8.15 -12.79
C PRO A 101 -16.75 -8.02 -13.59
N ASP A 102 -16.83 -8.42 -14.85
CA ASP A 102 -15.66 -8.45 -15.75
C ASP A 102 -15.16 -7.09 -16.25
N TRP A 103 -15.83 -6.02 -15.94
CA TRP A 103 -15.34 -4.69 -16.35
C TRP A 103 -14.62 -3.91 -15.21
N MET A 104 -14.39 -4.58 -14.07
CA MET A 104 -13.50 -3.98 -13.04
C MET A 104 -12.05 -4.10 -13.51
N SER A 105 -11.18 -3.21 -13.06
CA SER A 105 -9.79 -3.22 -13.48
C SER A 105 -9.13 -4.62 -13.47
N GLU A 106 -8.31 -4.88 -14.49
CA GLU A 106 -7.55 -6.12 -14.60
C GLU A 106 -6.70 -6.37 -13.36
N GLU A 107 -6.16 -5.31 -12.76
CA GLU A 107 -5.34 -5.46 -11.56
C GLU A 107 -6.12 -6.13 -10.47
N ARG A 108 -7.41 -5.84 -10.37
CA ARG A 108 -8.21 -6.43 -9.31
C ARG A 108 -8.26 -7.98 -9.46
N MLY A 109 -8.51 -8.44 -10.68
CA MLY A 109 -8.56 -9.88 -10.97
CA MLY A 109 -8.58 -9.86 -10.98
CB MLY A 109 -8.93 -10.17 -12.46
CB MLY A 109 -8.99 -10.10 -12.48
CG MLY A 109 -8.85 -11.66 -12.85
CG MLY A 109 -10.20 -9.27 -12.98
CD MLY A 109 -8.94 -11.89 -14.37
CD MLY A 109 -10.58 -9.58 -14.48
CE MLY A 109 -9.03 -13.40 -14.74
CE MLY A 109 -9.83 -8.72 -15.45
NZ MLY A 109 -9.60 -13.70 -16.16
NZ MLY A 109 -10.40 -8.24 -16.77
CH1 MLY A 109 -9.03 -12.76 -17.15
CH1 MLY A 109 -11.62 -8.99 -17.09
CH2 MLY A 109 -9.28 -15.10 -16.55
CH2 MLY A 109 -10.70 -6.80 -16.68
C MLY A 109 -7.25 -10.57 -10.64
O MLY A 109 -7.23 -11.61 -9.97
N SER A 110 -6.12 -10.01 -11.12
CA SER A 110 -4.82 -10.61 -10.82
C SER A 110 -4.53 -10.68 -9.31
N LEU A 111 -4.86 -9.61 -8.60
CA LEU A 111 -4.62 -9.55 -7.15
C LEU A 111 -5.39 -10.65 -6.39
N ILE A 112 -6.67 -10.79 -6.70
CA ILE A 112 -7.51 -11.82 -6.06
C ILE A 112 -6.88 -13.23 -6.27
N ARG A 113 -6.47 -13.53 -7.49
CA ARG A 113 -5.79 -14.79 -7.78
C ARG A 113 -4.48 -14.93 -7.02
N SER A 114 -3.70 -13.86 -6.95
CA SER A 114 -2.42 -13.88 -6.27
C SER A 114 -2.59 -14.33 -4.82
N PHE A 115 -3.71 -13.99 -4.22
CA PHE A 115 -3.94 -14.38 -2.84
C PHE A 115 -4.50 -15.79 -2.74
N GLY A 116 -4.59 -16.52 -3.86
CA GLY A 116 -5.02 -17.94 -3.83
C GLY A 116 -6.51 -18.19 -3.85
N ALA A 117 -7.29 -17.13 -4.03
CA ALA A 117 -8.71 -17.25 -4.18
C ALA A 117 -9.08 -17.69 -5.61
N MLY A 118 -10.25 -18.30 -5.74
CA MLY A 118 -10.86 -18.58 -7.04
CB MLY A 118 -11.79 -19.80 -6.95
CG MLY A 118 -12.27 -20.27 -8.31
CD MLY A 118 -13.38 -21.30 -8.22
CE MLY A 118 -13.79 -21.83 -9.59
NZ MLY A 118 -14.23 -23.28 -9.56
C MLY A 118 -11.63 -17.36 -7.48
O MLY A 118 -12.43 -16.84 -6.74
N ILE A 119 -11.36 -16.84 -8.68
CA ILE A 119 -12.04 -15.62 -9.14
C ILE A 119 -12.88 -16.08 -10.30
N ILE A 120 -14.18 -15.84 -10.21
CA ILE A 120 -15.12 -16.03 -11.31
C ILE A 120 -15.64 -14.65 -11.80
N LEU A 121 -15.37 -14.32 -13.06
CA LEU A 121 -15.83 -13.07 -13.66
C LEU A 121 -17.23 -13.26 -14.15
N VAL A 122 -18.00 -12.17 -14.14
CA VAL A 122 -19.44 -12.16 -14.46
C VAL A 122 -19.68 -10.94 -15.42
N SER A 123 -20.23 -11.22 -16.59
CA SER A 123 -20.46 -10.16 -17.59
C SER A 123 -21.76 -9.42 -17.32
N ARG A 124 -21.89 -8.27 -17.99
CA ARG A 124 -23.17 -7.53 -18.07
C ARG A 124 -24.33 -8.43 -18.49
N MLY A 125 -24.14 -9.17 -19.57
CA MLY A 125 -25.09 -10.23 -19.97
CB MLY A 125 -24.54 -11.04 -21.16
CG MLY A 125 -25.07 -10.56 -22.50
CD MLY A 125 -26.57 -10.87 -22.66
CE MLY A 125 -26.88 -12.34 -22.85
NZ MLY A 125 -28.08 -12.55 -23.71
C MLY A 125 -25.54 -11.20 -18.84
O MLY A 125 -26.72 -11.52 -18.74
N GLU A 126 -24.60 -11.68 -18.01
CA GLU A 126 -24.98 -12.58 -16.90
C GLU A 126 -25.53 -11.87 -15.68
N GLY A 127 -25.77 -10.56 -15.75
CA GLY A 127 -26.44 -9.83 -14.66
C GLY A 127 -25.50 -8.97 -13.80
N GLY A 128 -24.23 -8.86 -14.13
CA GLY A 128 -23.31 -7.93 -13.43
C GLY A 128 -23.21 -8.13 -11.92
N PHE A 129 -23.39 -7.05 -11.16
CA PHE A 129 -23.34 -7.13 -9.73
C PHE A 129 -24.45 -7.99 -9.10
N LEU A 130 -25.70 -7.75 -9.46
CA LEU A 130 -26.79 -8.56 -8.88
C LEU A 130 -26.60 -10.04 -9.27
N GLY A 131 -26.14 -10.28 -10.49
CA GLY A 131 -25.76 -11.62 -10.94
C GLY A 131 -24.62 -12.28 -10.16
N SER A 132 -23.62 -11.48 -9.77
CA SER A 132 -22.51 -11.93 -8.96
C SER A 132 -23.00 -12.31 -7.57
N ILE A 133 -23.88 -11.49 -7.02
CA ILE A 133 -24.44 -11.78 -5.77
C ILE A 133 -25.27 -13.10 -5.82
N GLU A 134 -26.08 -13.27 -6.87
CA GLU A 134 -26.91 -14.49 -6.97
C GLU A 134 -26.04 -15.72 -7.03
N MLY A 135 -24.96 -15.67 -7.78
CA MLY A 135 -24.05 -16.79 -7.84
CB MLY A 135 -23.00 -16.60 -8.93
CG MLY A 135 -23.64 -16.66 -10.29
CD MLY A 135 -22.70 -16.34 -11.34
CE MLY A 135 -23.52 -16.08 -12.61
NZ MLY A 135 -23.49 -17.19 -13.49
CH1 MLY A 135 -24.28 -16.87 -14.74
CH2 MLY A 135 -22.08 -17.53 -13.84
C MLY A 135 -23.41 -17.16 -6.50
O MLY A 135 -23.18 -18.35 -6.26
N THR A 136 -23.14 -16.16 -5.64
CA THR A 136 -22.64 -16.46 -4.31
C THR A 136 -23.64 -17.26 -3.50
N MLY A 137 -24.92 -16.88 -3.61
CA MLY A 137 -25.97 -17.55 -2.91
CB MLY A 137 -27.25 -16.71 -2.97
CG MLY A 137 -27.28 -15.45 -2.08
CD MLY A 137 -28.48 -14.62 -2.48
CE MLY A 137 -28.68 -13.43 -1.59
NZ MLY A 137 -29.61 -12.41 -2.19
C MLY A 137 -26.22 -18.99 -3.48
O MLY A 137 -26.48 -19.95 -2.72
N GLU A 138 -26.20 -19.15 -4.80
CA GLU A 138 -26.29 -20.47 -5.44
C GLU A 138 -25.13 -21.39 -4.96
N PHE A 139 -23.90 -20.83 -4.86
CA PHE A 139 -22.76 -21.55 -4.31
C PHE A 139 -23.04 -21.99 -2.85
N ALA A 140 -23.63 -21.11 -2.07
CA ALA A 140 -23.88 -21.42 -0.66
C ALA A 140 -24.98 -22.50 -0.48
N MLY A 141 -26.03 -22.43 -1.30
CA MLY A 141 -27.05 -23.44 -1.36
CB MLY A 141 -28.20 -23.04 -2.33
CG MLY A 141 -29.13 -21.91 -1.92
CD MLY A 141 -29.82 -22.05 -0.55
CE MLY A 141 -30.71 -20.84 -0.25
NZ MLY A 141 -31.70 -20.57 -1.33
C MLY A 141 -26.45 -24.79 -1.80
O MLY A 141 -26.87 -25.79 -1.29
N ASN A 142 -25.50 -24.83 -2.72
CA ASN A 142 -24.88 -26.07 -3.15
C ASN A 142 -23.88 -26.61 -2.15
N ASN A 143 -23.27 -25.73 -1.34
CA ASN A 143 -22.16 -26.05 -0.41
C ASN A 143 -22.47 -25.53 1.00
N PRO A 144 -23.13 -26.36 1.84
CA PRO A 144 -23.76 -25.83 3.06
C PRO A 144 -22.90 -25.25 4.16
N ASP A 145 -21.62 -25.53 4.25
CA ASP A 145 -20.86 -24.74 5.26
C ASP A 145 -20.21 -23.45 4.73
N THR A 146 -20.68 -22.93 3.59
CA THR A 146 -20.19 -21.69 3.02
C THR A 146 -20.44 -20.52 3.94
N TYR A 147 -19.43 -19.71 4.19
CA TYR A 147 -19.62 -18.43 4.93
C TYR A 147 -19.81 -17.28 3.91
N LEU A 148 -20.93 -16.57 4.01
CA LEU A 148 -21.25 -15.45 3.11
C LEU A 148 -21.10 -14.17 3.91
N PRO A 149 -20.00 -13.44 3.69
CA PRO A 149 -19.94 -12.14 4.40
C PRO A 149 -21.07 -11.16 4.04
N SER A 150 -21.64 -11.27 2.84
CA SER A 150 -22.82 -10.56 2.39
C SER A 150 -22.68 -9.05 2.64
N GLN A 151 -21.63 -8.49 2.07
CA GLN A 151 -21.26 -7.11 2.36
C GLN A 151 -22.30 -6.07 2.01
N PHE A 152 -23.19 -6.37 1.05
CA PHE A 152 -24.20 -5.42 0.64
C PHE A 152 -25.36 -5.36 1.63
N SER A 153 -25.41 -6.29 2.56
CA SER A 153 -26.48 -6.30 3.56
C SER A 153 -26.11 -6.59 5.02
N ASN A 154 -24.89 -7.02 5.27
CA ASN A 154 -24.53 -7.45 6.57
C ASN A 154 -24.13 -6.24 7.43
N LEU A 155 -24.79 -6.10 8.59
CA LEU A 155 -24.48 -5.11 9.58
C LEU A 155 -23.04 -5.12 10.11
N TYR A 156 -22.37 -6.29 10.13
CA TYR A 156 -20.95 -6.38 10.48
C TYR A 156 -20.09 -5.39 9.66
N ASN A 157 -20.53 -5.07 8.43
CA ASN A 157 -19.80 -4.19 7.52
C ASN A 157 -19.83 -2.79 8.09
N SER A 158 -21.04 -2.26 8.34
CA SER A 158 -21.15 -0.89 8.90
C SER A 158 -20.59 -0.86 10.32
N GLU A 159 -20.82 -1.92 11.08
CA GLU A 159 -20.21 -2.03 12.39
C GLU A 159 -18.68 -1.94 12.34
N ALA A 160 -18.04 -2.64 11.39
CA ALA A 160 -16.59 -2.49 11.25
C ALA A 160 -16.14 -1.03 11.31
N HIS A 161 -16.85 -0.20 10.59
CA HIS A 161 -16.46 1.18 10.47
C HIS A 161 -16.92 2.02 11.63
N TYR A 162 -18.04 1.65 12.26
CA TYR A 162 -18.40 2.25 13.57
C TYR A 162 -17.34 2.05 14.62
N TYR A 163 -16.84 0.82 14.74
CA TYR A 163 -15.86 0.49 15.78
C TYR A 163 -14.41 0.78 15.40
N GLY A 164 -14.09 0.84 14.10
CA GLY A 164 -12.72 1.05 13.63
C GLY A 164 -12.49 2.48 13.19
N ILE A 165 -12.57 2.69 11.89
CA ILE A 165 -12.21 3.97 11.30
C ILE A 165 -13.04 5.17 11.81
N GLY A 166 -14.32 4.97 12.07
CA GLY A 166 -15.17 6.03 12.59
C GLY A 166 -14.68 6.50 13.98
N LEU A 167 -14.27 5.55 14.82
CA LEU A 167 -13.70 5.87 16.14
C LEU A 167 -12.38 6.57 16.05
N GLU A 168 -11.47 6.12 15.15
CA GLU A 168 -10.23 6.86 14.89
C GLU A 168 -10.52 8.31 14.49
N ILE A 169 -11.47 8.50 13.59
CA ILE A 169 -11.82 9.81 13.09
C ILE A 169 -12.32 10.74 14.22
N VAL A 170 -13.23 10.25 15.02
CA VAL A 170 -13.73 11.04 16.15
C VAL A 170 -12.58 11.34 17.12
N ASN A 171 -11.75 10.35 17.47
CA ASN A 171 -10.63 10.63 18.39
C ASN A 171 -9.64 11.60 17.82
N GLU A 172 -9.38 11.52 16.52
CA GLU A 172 -8.41 12.40 15.92
C GLU A 172 -8.94 13.84 15.88
N MET A 173 -10.17 14.04 15.46
CA MET A 173 -10.70 15.41 15.38
C MET A 173 -10.86 16.08 16.78
N MLY A 174 -11.15 15.27 17.79
CA MLY A 174 -11.24 15.73 19.18
CB MLY A 174 -11.90 14.70 20.12
CG MLY A 174 -13.39 14.94 20.28
CD MLY A 174 -14.17 13.69 20.75
CE MLY A 174 -14.43 13.65 22.26
NZ MLY A 174 -15.11 12.39 22.72
C MLY A 174 -9.86 16.19 19.69
O MLY A 174 -9.77 17.23 20.37
N SER A 175 -8.79 15.50 19.28
CA SER A 175 -7.43 15.88 19.65
C SER A 175 -7.03 17.22 19.03
N LEU A 176 -7.67 17.60 17.94
CA LEU A 176 -7.45 18.94 17.35
C LEU A 176 -8.47 20.02 17.85
N ASN A 177 -9.35 19.68 18.79
CA ASN A 177 -10.34 20.62 19.31
C ASN A 177 -11.27 21.14 18.24
N LEU A 178 -11.66 20.26 17.34
CA LEU A 178 -12.50 20.62 16.22
C LEU A 178 -13.77 19.78 16.31
N ASN A 179 -14.89 20.44 16.14
CA ASN A 179 -16.13 19.80 15.96
C ASN A 179 -16.30 19.38 14.46
N ILE A 180 -16.85 18.21 14.25
CA ILE A 180 -17.04 17.72 12.90
C ILE A 180 -18.37 18.22 12.42
N ASP A 181 -18.37 18.96 11.32
CA ASP A 181 -19.58 19.45 10.70
C ASP A 181 -20.20 18.55 9.62
N GLY A 182 -19.37 17.76 8.95
CA GLY A 182 -19.85 16.86 7.91
C GLY A 182 -18.86 15.77 7.55
N PHE A 183 -19.40 14.77 6.87
CA PHE A 183 -18.67 13.60 6.43
C PHE A 183 -19.32 13.18 5.13
N VAL A 184 -18.49 12.89 4.12
CA VAL A 184 -18.92 12.47 2.80
C VAL A 184 -18.18 11.16 2.44
N ALA A 185 -18.91 10.18 1.87
CA ALA A 185 -18.24 8.98 1.29
C ALA A 185 -19.07 8.39 0.18
N GLY A 186 -18.43 8.08 -0.93
CA GLY A 186 -19.02 7.27 -1.95
C GLY A 186 -19.54 5.94 -1.44
N VAL A 187 -20.66 5.49 -2.03
CA VAL A 187 -21.36 4.31 -1.60
C VAL A 187 -21.20 3.18 -2.59
N GLY A 188 -20.70 2.06 -2.08
CA GLY A 188 -20.68 0.79 -2.84
C GLY A 188 -21.69 -0.06 -2.10
N THR A 189 -21.30 -0.51 -0.92
CA THR A 189 -22.20 -1.17 0.05
C THR A 189 -22.91 -0.20 0.97
N GLY A 190 -22.30 0.97 1.17
CA GLY A 190 -22.75 1.91 2.18
C GLY A 190 -22.20 1.67 3.55
N GLY A 191 -21.37 0.65 3.72
CA GLY A 191 -20.82 0.36 5.04
C GLY A 191 -20.00 1.54 5.61
N THR A 192 -19.19 2.16 4.76
CA THR A 192 -18.36 3.31 5.13
C THR A 192 -19.18 4.49 5.64
N VAL A 193 -20.12 4.95 4.83
CA VAL A 193 -20.94 6.06 5.24
C VAL A 193 -21.82 5.77 6.48
N MET A 194 -22.44 4.59 6.54
CA MET A 194 -23.37 4.24 7.62
C MET A 194 -22.64 4.05 8.90
N GLY A 195 -21.48 3.40 8.83
CA GLY A 195 -20.75 3.11 10.05
C GLY A 195 -20.04 4.31 10.64
N ILE A 196 -19.38 5.05 9.76
CA ILE A 196 -18.71 6.28 10.18
C ILE A 196 -19.76 7.29 10.61
N GLY A 197 -20.80 7.43 9.79
CA GLY A 197 -21.94 8.31 10.08
C GLY A 197 -22.53 8.09 11.44
N MLY A 198 -22.83 6.84 11.76
CA MLY A 198 -23.33 6.48 13.09
CB MLY A 198 -23.47 4.96 13.24
CG MLY A 198 -24.11 4.49 14.53
CD MLY A 198 -24.15 2.94 14.57
CE MLY A 198 -24.66 2.40 15.95
NZ MLY A 198 -24.56 0.95 16.47
CH1 MLY A 198 -23.84 0.12 15.50
CH2 MLY A 198 -25.92 0.39 16.72
C MLY A 198 -22.40 7.00 14.21
O MLY A 198 -22.86 7.58 15.20
N ARG A 199 -21.09 6.75 14.07
CA ARG A 199 -20.10 7.14 15.10
C ARG A 199 -20.01 8.67 15.20
N ILE A 200 -19.91 9.34 14.07
CA ILE A 200 -19.82 10.80 14.07
C ILE A 200 -21.09 11.42 14.71
N MLY A 201 -22.28 11.00 14.30
CA MLY A 201 -23.52 11.56 14.84
CB MLY A 201 -24.74 11.10 14.07
CG MLY A 201 -24.85 11.72 12.70
CD MLY A 201 -25.98 12.73 12.57
CE MLY A 201 -27.33 12.07 12.48
NZ MLY A 201 -28.24 12.79 11.54
C MLY A 201 -23.72 11.32 16.35
O MLY A 201 -24.31 12.18 16.97
N GLU A 202 -23.20 10.23 16.92
CA GLU A 202 -23.25 10.02 18.36
C GLU A 202 -22.40 11.03 19.09
N ASN A 203 -21.35 11.54 18.45
CA ASN A 203 -20.53 12.59 19.04
C ASN A 203 -20.86 14.01 18.59
N PHE A 204 -21.48 14.16 17.43
CA PHE A 204 -21.83 15.48 16.88
C PHE A 204 -23.18 15.36 16.21
N SER A 205 -24.24 15.67 16.96
CA SER A 205 -25.59 15.31 16.52
C SER A 205 -26.06 16.15 15.37
N ASN A 206 -25.43 17.30 15.17
CA ASN A 206 -25.75 18.16 14.00
C ASN A 206 -24.85 17.97 12.78
N ALA A 207 -23.84 17.12 12.88
CA ALA A 207 -23.05 16.77 11.67
C ALA A 207 -23.92 16.26 10.52
N MLY A 208 -23.65 16.72 9.28
CA MLY A 208 -24.28 16.18 8.10
CB MLY A 208 -24.40 17.24 7.00
CG MLY A 208 -25.20 18.51 7.38
CD MLY A 208 -26.66 18.22 7.65
CE MLY A 208 -27.35 19.32 8.48
NZ MLY A 208 -28.87 19.00 8.46
CH1 MLY A 208 -29.62 20.06 7.73
CH2 MLY A 208 -29.39 18.88 9.82
C MLY A 208 -23.47 14.96 7.60
O MLY A 208 -22.24 15.08 7.43
N ILE A 209 -24.15 13.86 7.31
CA ILE A 209 -23.52 12.62 6.77
C ILE A 209 -24.10 12.40 5.42
N CYS A 210 -23.29 12.62 4.38
CA CYS A 210 -23.71 12.54 3.03
C CYS A 210 -23.12 11.35 2.23
N PRO A 211 -23.99 10.55 1.56
CA PRO A 211 -23.55 9.52 0.70
C PRO A 211 -23.31 10.09 -0.64
N LEU A 212 -22.35 9.50 -1.36
CA LEU A 212 -21.98 10.02 -2.65
C LEU A 212 -22.17 9.00 -3.78
N GLU A 213 -22.46 9.52 -4.98
CA GLU A 213 -22.76 8.73 -6.11
C GLU A 213 -22.13 9.36 -7.33
N PRO A 214 -22.02 8.60 -8.42
CA PRO A 214 -21.58 9.25 -9.65
C PRO A 214 -22.75 10.00 -10.32
N LEU A 215 -22.46 11.23 -10.77
CA LEU A 215 -23.43 12.03 -11.52
C LEU A 215 -23.88 11.23 -12.74
N ASN A 216 -22.95 10.52 -13.38
CA ASN A 216 -23.18 9.67 -14.56
C ASN A 216 -24.07 8.43 -14.28
N SER A 217 -24.16 7.99 -13.03
CA SER A 217 -25.00 6.86 -12.64
C SER A 217 -25.68 7.13 -11.34
N PRO A 218 -26.61 8.12 -11.34
CA PRO A 218 -27.14 8.63 -10.06
C PRO A 218 -28.20 7.74 -9.41
N THR A 219 -27.76 6.54 -9.06
CA THR A 219 -28.65 5.57 -8.54
C THR A 219 -29.24 5.92 -7.20
N LEU A 220 -28.49 6.56 -6.31
CA LEU A 220 -29.02 6.88 -5.01
C LEU A 220 -30.05 8.01 -5.11
N SER A 221 -29.75 9.06 -5.86
CA SER A 221 -30.64 10.23 -5.74
C SER A 221 -31.94 9.98 -6.57
N THR A 222 -31.82 9.26 -7.67
CA THR A 222 -33.01 8.90 -8.50
C THR A 222 -33.78 7.69 -7.98
N GLY A 223 -33.08 6.75 -7.36
CA GLY A 223 -33.72 5.56 -6.90
C GLY A 223 -33.88 4.52 -8.01
N TYR A 224 -33.32 4.77 -9.20
CA TYR A 224 -33.40 3.79 -10.29
C TYR A 224 -32.27 3.80 -11.31
N MLY A 225 -31.75 4.98 -11.66
CA MLY A 225 -30.95 5.08 -12.88
CB MLY A 225 -30.70 6.55 -13.31
CG MLY A 225 -29.76 6.65 -14.53
CD MLY A 225 -30.17 7.68 -15.52
CE MLY A 225 -29.72 7.30 -16.93
NZ MLY A 225 -30.42 6.12 -17.60
CH1 MLY A 225 -30.27 6.22 -19.08
CH2 MLY A 225 -31.87 6.12 -17.23
C MLY A 225 -29.64 4.42 -12.64
O MLY A 225 -28.97 4.69 -11.62
N VAL A 226 -29.27 3.59 -13.60
CA VAL A 226 -28.02 2.85 -13.62
C VAL A 226 -27.38 3.06 -14.99
N ALA A 227 -26.13 3.49 -14.99
CA ALA A 227 -25.32 3.61 -16.20
C ALA A 227 -23.88 3.34 -15.92
N MLY A 228 -23.11 3.17 -16.99
CA MLY A 228 -21.67 3.00 -16.91
CB MLY A 228 -21.08 2.77 -18.32
CG MLY A 228 -21.40 1.37 -18.83
CD MLY A 228 -20.83 1.11 -20.22
CE MLY A 228 -21.47 -0.15 -20.78
NZ MLY A 228 -21.35 -0.24 -22.28
C MLY A 228 -21.00 4.20 -16.30
O MLY A 228 -21.35 5.35 -16.58
N HIS A 229 -20.01 3.97 -15.46
CA HIS A 229 -19.22 5.07 -14.90
C HIS A 229 -17.88 4.48 -14.46
N ARG A 230 -16.91 5.37 -14.23
CA ARG A 230 -15.54 4.98 -14.00
C ARG A 230 -15.06 5.13 -12.53
N ILE A 231 -15.96 5.43 -11.61
CA ILE A 231 -15.65 5.57 -10.20
C ILE A 231 -15.64 4.20 -9.51
N GLU A 232 -14.61 3.45 -9.79
CA GLU A 232 -14.64 2.02 -9.45
C GLU A 232 -14.78 1.84 -7.98
N GLY A 233 -15.66 0.94 -7.62
CA GLY A 233 -16.00 0.64 -6.23
C GLY A 233 -17.30 1.22 -5.74
N ILE A 234 -17.81 2.28 -6.38
CA ILE A 234 -19.07 2.78 -5.89
C ILE A 234 -20.15 2.52 -6.96
N SER A 235 -21.40 2.63 -6.53
CA SER A 235 -22.57 2.66 -7.41
C SER A 235 -22.59 1.40 -8.23
N ASN A 236 -22.82 0.28 -7.53
CA ASN A 236 -22.67 -1.06 -8.12
C ASN A 236 -24.01 -1.56 -8.72
N GLU A 237 -24.73 -0.68 -9.44
CA GLU A 237 -25.98 -1.06 -10.17
C GLU A 237 -27.23 -1.31 -9.38
N PHE A 238 -27.24 -0.97 -8.11
CA PHE A 238 -28.42 -1.06 -7.23
C PHE A 238 -28.11 -0.31 -5.97
N ILE A 239 -29.16 -0.09 -5.18
CA ILE A 239 -29.03 0.50 -3.88
C ILE A 239 -28.95 -0.63 -2.90
N PRO A 240 -27.83 -0.71 -2.16
CA PRO A 240 -27.66 -1.81 -1.20
C PRO A 240 -28.53 -1.69 0.04
N ASP A 241 -28.98 -2.83 0.56
CA ASP A 241 -29.87 -2.85 1.74
C ASP A 241 -29.19 -2.19 2.94
N LEU A 242 -27.87 -2.34 3.05
CA LEU A 242 -27.15 -1.75 4.13
C LEU A 242 -27.30 -0.27 4.25
N VAL A 243 -27.37 0.45 3.15
CA VAL A 243 -27.44 1.92 3.21
C VAL A 243 -28.90 2.36 3.45
N MLY A 244 -29.11 3.27 4.40
CA MLY A 244 -30.46 3.78 4.73
CB MLY A 244 -30.85 3.53 6.21
CG MLY A 244 -30.83 2.05 6.62
CD MLY A 244 -31.69 1.14 5.69
CE MLY A 244 -31.65 -0.39 6.04
NZ MLY A 244 -32.76 -1.26 5.43
CH1 MLY A 244 -32.99 -0.90 3.98
CH2 MLY A 244 -32.39 -2.70 5.53
C MLY A 244 -30.54 5.26 4.40
O MLY A 244 -30.19 6.09 5.22
N LEU A 245 -30.92 5.54 3.16
CA LEU A 245 -30.90 6.91 2.62
C LEU A 245 -31.77 7.90 3.37
N ASP A 246 -32.89 7.40 3.89
CA ASP A 246 -33.77 8.17 4.74
C ASP A 246 -33.14 8.55 6.10
N MLY A 247 -32.16 7.78 6.60
CA MLY A 247 -31.40 8.18 7.82
CB MLY A 247 -31.15 6.95 8.75
CG MLY A 247 -32.35 5.98 8.83
CD MLY A 247 -32.54 5.23 10.18
CE MLY A 247 -31.33 4.63 10.83
NZ MLY A 247 -30.44 3.87 9.91
C MLY A 247 -30.04 8.93 7.54
O MLY A 247 -29.27 9.12 8.45
N LEU A 248 -29.78 9.30 6.30
CA LEU A 248 -28.56 10.06 5.97
C LEU A 248 -29.00 11.41 5.47
N ASP A 249 -28.06 12.32 5.32
CA ASP A 249 -28.35 13.62 4.75
C ASP A 249 -28.30 13.48 3.26
N ASN A 250 -28.41 14.58 2.52
CA ASN A 250 -28.58 14.51 1.10
C ASN A 250 -27.41 13.88 0.35
N VAL A 251 -27.77 13.27 -0.79
CA VAL A 251 -26.87 12.70 -1.73
C VAL A 251 -26.07 13.77 -2.42
N VAL A 252 -24.79 13.46 -2.61
CA VAL A 252 -23.84 14.30 -3.30
C VAL A 252 -23.47 13.50 -4.54
N SER A 253 -23.48 14.15 -5.70
CA SER A 253 -23.20 13.54 -6.96
C SER A 253 -22.01 14.18 -7.62
N VAL A 254 -21.04 13.37 -8.05
CA VAL A 254 -19.81 13.87 -8.65
C VAL A 254 -19.62 13.25 -10.00
N ASP A 255 -19.25 14.06 -10.98
CA ASP A 255 -18.98 13.50 -12.33
C ASP A 255 -17.68 12.68 -12.32
N ASP A 256 -17.67 11.54 -12.98
CA ASP A 256 -16.55 10.65 -12.89
C ASP A 256 -15.25 11.24 -13.51
N GLY A 257 -15.39 12.11 -14.50
CA GLY A 257 -14.24 12.89 -14.99
C GLY A 257 -13.64 13.87 -13.97
N ASP A 258 -14.51 14.52 -13.22
CA ASP A 258 -14.19 15.42 -12.15
C ASP A 258 -13.45 14.65 -10.98
N ALA A 259 -13.94 13.45 -10.65
CA ALA A 259 -13.29 12.55 -9.76
C ALA A 259 -11.89 12.19 -10.26
N ILE A 260 -11.78 11.80 -11.54
CA ILE A 260 -10.48 11.50 -12.11
C ILE A 260 -9.45 12.63 -12.03
N VAL A 261 -9.90 13.82 -12.39
CA VAL A 261 -9.02 14.95 -12.38
C VAL A 261 -8.59 15.22 -10.93
N MET A 262 -9.52 15.20 -10.01
CA MET A 262 -9.18 15.39 -8.64
C MET A 262 -8.16 14.35 -8.13
N ALA A 263 -8.35 13.08 -8.48
CA ALA A 263 -7.39 12.01 -8.13
C ALA A 263 -5.99 12.27 -8.74
N GLN A 264 -5.97 12.76 -9.99
CA GLN A 264 -4.71 13.10 -10.65
C GLN A 264 -4.04 14.23 -9.92
N MLY A 265 -4.81 15.22 -9.52
CA MLY A 265 -4.24 16.31 -8.77
CB MLY A 265 -5.26 17.43 -8.57
CG MLY A 265 -5.61 18.22 -9.85
CD MLY A 265 -6.50 19.41 -9.41
CE MLY A 265 -6.90 20.30 -10.56
NZ MLY A 265 -6.04 21.41 -11.11
CH1 MLY A 265 -6.89 22.58 -11.51
CH2 MLY A 265 -5.06 21.84 -10.11
C MLY A 265 -3.69 15.84 -7.43
O MLY A 265 -2.65 16.32 -6.99
N LEU A 266 -4.40 14.94 -6.77
CA LEU A 266 -3.93 14.50 -5.47
C LEU A 266 -2.60 13.79 -5.69
N ALA A 267 -2.47 13.02 -6.75
CA ALA A 267 -1.21 12.30 -6.98
C ALA A 267 -0.08 13.25 -7.26
N MLY A 268 -0.36 14.35 -7.94
CA MLY A 268 0.66 15.37 -8.10
CB MLY A 268 0.30 16.33 -9.26
CG MLY A 268 0.42 15.70 -10.64
CD MLY A 268 -0.35 16.53 -11.68
CE MLY A 268 0.07 16.25 -13.12
NZ MLY A 268 -0.41 14.90 -13.55
C MLY A 268 1.03 16.16 -6.82
O MLY A 268 2.02 16.89 -6.85
N CYS A 269 0.29 16.06 -5.72
CA CYS A 269 0.81 16.52 -4.42
C CYS A 269 1.25 15.31 -3.54
N GLY A 270 1.59 14.19 -4.14
CA GLY A 270 2.18 13.06 -3.40
C GLY A 270 1.22 12.04 -2.85
N LEU A 271 -0.08 12.17 -3.15
CA LEU A 271 -1.11 11.32 -2.63
C LEU A 271 -1.68 10.51 -3.77
N GLY A 272 -1.13 9.31 -3.93
CA GLY A 272 -1.45 8.43 -5.03
C GLY A 272 -2.70 7.64 -4.60
N VAL A 273 -3.87 8.06 -5.09
CA VAL A 273 -5.14 7.54 -4.63
C VAL A 273 -5.99 7.03 -5.77
N GLY A 274 -6.95 6.18 -5.44
CA GLY A 274 -7.86 5.67 -6.45
C GLY A 274 -8.87 6.70 -6.87
N ILE A 275 -9.72 6.29 -7.80
CA ILE A 275 -10.69 7.21 -8.41
C ILE A 275 -11.77 7.65 -7.44
N SER A 276 -12.27 6.71 -6.63
CA SER A 276 -13.24 7.09 -5.63
C SER A 276 -12.70 8.05 -4.55
N SER A 277 -11.38 8.11 -4.36
CA SER A 277 -10.76 9.08 -3.45
C SER A 277 -10.91 10.51 -4.02
N GLY A 278 -10.68 10.64 -5.32
CA GLY A 278 -10.92 11.90 -6.01
C GLY A 278 -12.36 12.33 -5.86
N ALA A 279 -13.27 11.38 -6.09
CA ALA A 279 -14.69 11.67 -5.96
C ALA A 279 -15.00 12.15 -4.55
N ASN A 280 -14.51 11.43 -3.57
CA ASN A 280 -14.77 11.82 -2.17
C ASN A 280 -14.25 13.24 -1.85
N PHE A 281 -13.07 13.60 -2.42
CA PHE A 281 -12.49 14.90 -2.15
C PHE A 281 -13.46 15.99 -2.70
N ILE A 282 -13.90 15.81 -3.92
CA ILE A 282 -14.85 16.72 -4.52
C ILE A 282 -16.13 16.81 -3.73
N GLY A 283 -16.61 15.66 -3.24
CA GLY A 283 -17.83 15.60 -2.47
C GLY A 283 -17.71 16.35 -1.15
N ALA A 284 -16.54 16.26 -0.54
CA ALA A 284 -16.31 16.97 0.72
C ALA A 284 -16.40 18.50 0.48
N LEU A 285 -15.82 18.91 -0.61
CA LEU A 285 -15.87 20.31 -1.01
C LEU A 285 -17.29 20.77 -1.25
N MET A 286 -18.07 19.98 -1.98
CA MET A 286 -19.46 20.30 -2.23
C MET A 286 -20.22 20.45 -0.93
N LEU A 287 -20.04 19.53 -0.01
CA LEU A 287 -20.63 19.71 1.32
C LEU A 287 -20.14 20.98 2.11
N GLN A 288 -18.84 21.24 2.05
CA GLN A 288 -18.25 22.41 2.67
C GLN A 288 -18.88 23.72 2.06
N ASN A 289 -18.96 23.78 0.74
CA ASN A 289 -19.65 24.84 0.06
C ASN A 289 -21.09 25.12 0.60
N MLY A 290 -21.82 24.07 0.93
CA MLY A 290 -23.13 24.25 1.51
CB MLY A 290 -23.97 22.97 1.34
CG MLY A 290 -24.24 22.64 -0.11
CD MLY A 290 -25.35 21.60 -0.29
CE MLY A 290 -25.14 20.31 0.54
NZ MLY A 290 -25.70 19.04 -0.05
C MLY A 290 -23.12 24.61 2.98
O MLY A 290 -24.02 25.33 3.41
N LEU A 291 -22.20 24.06 3.78
CA LEU A 291 -22.24 24.29 5.22
C LEU A 291 -21.50 25.56 5.66
N GLY A 292 -20.59 26.08 4.84
CA GLY A 292 -19.74 27.20 5.25
C GLY A 292 -18.30 26.88 4.94
N MLY A 293 -17.60 27.89 4.44
CA MLY A 293 -16.21 27.77 4.05
CB MLY A 293 -15.67 29.10 3.49
CG MLY A 293 -15.66 30.29 4.43
CD MLY A 293 -15.39 31.63 3.70
CE MLY A 293 -15.84 32.85 4.49
NZ MLY A 293 -15.82 34.12 3.68
C MLY A 293 -15.28 27.24 5.11
O MLY A 293 -14.28 26.64 4.75
N ASP A 294 -15.57 27.48 6.38
CA ASP A 294 -14.78 27.00 7.47
C ASP A 294 -15.26 25.71 8.05
N SER A 295 -16.29 25.09 7.48
CA SER A 295 -16.90 23.95 8.16
C SER A 295 -15.89 22.79 8.09
N VAL A 296 -15.94 21.97 9.11
CA VAL A 296 -14.99 20.91 9.30
C VAL A 296 -15.59 19.67 8.62
N ILE A 297 -15.07 19.36 7.44
CA ILE A 297 -15.51 18.24 6.65
C ILE A 297 -14.43 17.11 6.62
N VAL A 298 -14.90 15.86 6.81
CA VAL A 298 -14.03 14.70 6.84
C VAL A 298 -14.45 13.76 5.74
N THR A 299 -13.46 13.17 5.09
CA THR A 299 -13.72 12.06 4.17
C THR A 299 -12.59 11.01 4.23
N VAL A 300 -12.64 10.05 3.31
CA VAL A 300 -11.70 8.98 3.23
C VAL A 300 -11.19 8.78 1.81
N PHE A 301 -9.97 8.28 1.71
CA PHE A 301 -9.35 7.85 0.49
C PHE A 301 -9.23 6.32 0.61
N PRO A 302 -10.16 5.58 -0.02
CA PRO A 302 -10.23 4.14 0.18
C PRO A 302 -9.05 3.28 -0.26
N ASP A 303 -8.30 3.67 -1.32
CA ASP A 303 -7.19 2.90 -1.75
C ASP A 303 -6.18 3.73 -2.54
N ASP A 304 -5.04 3.16 -2.89
CA ASP A 304 -4.05 3.93 -3.65
C ASP A 304 -4.31 3.86 -5.18
N ASN A 305 -3.42 4.42 -5.98
CA ASN A 305 -3.60 4.40 -7.42
C ASN A 305 -3.09 3.17 -8.16
N MLY A 306 -2.48 2.21 -7.42
CA MLY A 306 -1.74 1.12 -8.08
CB MLY A 306 -0.88 0.32 -7.09
CG MLY A 306 0.25 1.15 -6.48
CD MLY A 306 1.26 0.24 -5.86
CE MLY A 306 2.42 1.00 -5.22
NZ MLY A 306 2.01 1.90 -4.12
C MLY A 306 -2.64 0.22 -8.89
O MLY A 306 -2.22 -0.28 -9.93
N MLY A 307 -3.88 0.03 -8.47
CA MLY A 307 -4.77 -0.81 -9.21
CB MLY A 307 -5.86 -1.40 -8.25
CG MLY A 307 -5.33 -2.32 -7.18
CD MLY A 307 -6.40 -3.08 -6.42
CE MLY A 307 -7.47 -2.20 -5.83
NZ MLY A 307 -6.99 -1.30 -4.76
C MLY A 307 -5.47 -0.11 -10.39
O MLY A 307 -6.35 -0.67 -11.00
N TYR A 308 -5.10 1.13 -10.67
CA TYR A 308 -5.79 1.95 -11.63
C TYR A 308 -4.87 2.36 -12.75
N LEU A 309 -3.69 1.74 -12.85
CA LEU A 309 -2.71 2.11 -13.88
C LEU A 309 -3.27 1.75 -15.26
N SER A 310 -4.16 0.75 -15.33
CA SER A 310 -4.80 0.36 -16.58
C SER A 310 -6.03 1.17 -16.96
N THR A 311 -6.38 2.24 -16.23
CA THR A 311 -7.70 2.92 -16.38
C THR A 311 -7.49 4.34 -16.83
N ASP A 312 -8.57 5.09 -16.96
CA ASP A 312 -8.47 6.51 -17.35
C ASP A 312 -7.78 7.44 -16.35
N LEU A 313 -7.56 6.97 -15.12
CA LEU A 313 -6.76 7.72 -14.15
C LEU A 313 -5.43 8.10 -14.78
N MET A 314 -4.88 7.20 -15.61
CA MET A 314 -3.58 7.45 -16.28
C MET A 314 -3.66 8.08 -17.65
N ARG A 315 -4.82 8.60 -18.05
CA ARG A 315 -4.93 9.25 -19.36
C ARG A 315 -5.42 10.66 -19.16
N GLU A 316 -5.30 11.47 -20.21
CA GLU A 316 -5.74 12.84 -20.09
C GLU A 316 -7.28 12.87 -20.07
N GLU A 317 -7.85 13.57 -19.08
CA GLU A 317 -9.30 13.69 -18.97
C GLU A 317 -9.70 15.08 -19.44
N MLY A 318 -10.71 15.16 -20.31
CA MLY A 318 -11.24 16.47 -20.75
CB MLY A 318 -12.22 16.30 -21.89
CG MLY A 318 -12.59 17.61 -22.60
CD MLY A 318 -13.95 17.57 -23.27
CE MLY A 318 -14.23 16.26 -23.96
NZ MLY A 318 -15.34 16.33 -24.93
C MLY A 318 -11.96 17.20 -19.62
O MLY A 318 -12.87 16.66 -18.98
N VAL A 319 -11.55 18.45 -19.36
CA VAL A 319 -12.16 19.27 -18.32
C VAL A 319 -13.44 19.85 -18.86
N MLY A 320 -14.52 19.69 -18.13
CA MLY A 320 -15.79 20.29 -18.47
CB MLY A 320 -16.89 19.23 -18.46
CG MLY A 320 -16.59 18.12 -19.47
CD MLY A 320 -17.65 17.03 -19.50
CE MLY A 320 -17.23 15.89 -20.39
NZ MLY A 320 -18.25 14.80 -20.40
C MLY A 320 -16.10 21.45 -17.54
O MLY A 320 -15.53 21.55 -16.43
N GLU A 321 -17.01 22.30 -17.99
CA GLU A 321 -17.29 23.58 -17.34
C GLU A 321 -17.87 23.38 -15.94
N ASP A 322 -18.58 22.28 -15.73
CA ASP A 322 -19.22 22.04 -14.45
C ASP A 322 -18.29 21.33 -13.44
N PHE A 323 -17.08 20.95 -13.83
CA PHE A 323 -16.12 20.34 -12.88
C PHE A 323 -15.74 21.28 -11.74
N LEU A 324 -15.81 20.81 -10.49
CA LEU A 324 -15.24 21.54 -9.36
C LEU A 324 -13.72 21.47 -9.35
N SER A 325 -13.15 20.36 -9.84
CA SER A 325 -11.69 20.19 -9.87
C SER A 325 -10.96 21.33 -10.57
N MLY A 326 -11.58 21.92 -11.59
CA MLY A 326 -10.89 22.93 -12.37
CB MLY A 326 -11.61 23.22 -13.70
CG MLY A 326 -12.85 24.05 -13.54
CD MLY A 326 -13.70 24.11 -14.82
CE MLY A 326 -13.58 25.44 -15.57
NZ MLY A 326 -14.61 26.44 -15.14
C MLY A 326 -10.62 24.23 -11.58
O MLY A 326 -9.75 24.98 -11.99
N ASP A 327 -11.32 24.47 -10.46
CA ASP A 327 -11.11 25.65 -9.61
C ASP A 327 -10.38 25.32 -8.31
N ILE A 328 -9.81 24.12 -8.23
CA ILE A 328 -9.10 23.68 -7.05
C ILE A 328 -7.62 23.72 -7.34
N THR A 329 -6.86 24.29 -6.43
CA THR A 329 -5.39 24.18 -6.43
C THR A 329 -5.01 23.63 -5.06
N LEU A 330 -4.37 22.45 -5.00
CA LEU A 330 -3.90 21.91 -3.73
C LEU A 330 -2.70 22.75 -3.29
N MLY A 331 -2.66 23.12 -2.02
CA MLY A 331 -1.54 23.98 -1.54
CB MLY A 331 -2.05 25.15 -0.74
CG MLY A 331 -2.99 26.09 -1.51
CD MLY A 331 -2.38 26.82 -2.73
CE MLY A 331 -2.11 28.30 -2.48
NZ MLY A 331 -1.97 29.03 -3.79
C MLY A 331 -0.57 23.18 -0.68
O MLY A 331 0.62 23.25 -0.89
N GLU A 332 -1.05 22.45 0.32
CA GLU A 332 -0.12 21.71 1.19
C GLU A 332 -0.81 20.70 2.07
N ILE A 333 -0.01 19.71 2.44
CA ILE A 333 -0.37 18.83 3.53
C ILE A 333 0.03 19.61 4.77
N MLY A 334 -0.98 20.07 5.49
CA MLY A 334 -0.85 20.98 6.61
CB MLY A 334 -2.07 21.90 6.67
CG MLY A 334 -2.13 22.96 7.76
CD MLY A 334 -0.91 23.88 7.70
CE MLY A 334 -1.26 25.31 8.04
NZ MLY A 334 -1.58 25.51 9.47
C MLY A 334 -0.68 20.31 7.94
O MLY A 334 -0.14 20.93 8.89
N ASN A 335 -1.12 19.06 8.06
CA ASN A 335 -0.91 18.23 9.25
C ASN A 335 -1.14 16.74 8.89
N VAL A 336 -0.54 15.84 9.66
CA VAL A 336 -0.79 14.42 9.58
C VAL A 336 -0.78 13.97 11.03
N LEU A 337 -1.87 13.34 11.44
CA LEU A 337 -1.99 12.66 12.70
C LEU A 337 -1.95 11.18 12.46
N ARG A 338 -1.41 10.49 13.45
CA ARG A 338 -1.30 9.03 13.40
C ARG A 338 -1.25 8.54 14.84
N VAL A 339 -2.26 7.82 15.31
CA VAL A 339 -2.20 7.26 16.67
C VAL A 339 -2.01 5.74 16.53
N ILE A 340 -0.72 5.35 16.45
CA ILE A 340 -0.22 3.98 16.60
C ILE A 340 0.47 3.97 17.97
N GLN B 7 10.12 21.91 8.97
CA GLN B 7 10.69 21.68 10.35
C GLN B 7 9.69 21.12 11.38
N MLY B 8 8.72 21.96 11.72
CA MLY B 8 7.42 21.54 12.33
CB MLY B 8 6.46 22.75 12.63
CG MLY B 8 6.80 24.15 12.05
CD MLY B 8 6.76 24.28 10.47
CE MLY B 8 6.64 25.68 9.84
NZ MLY B 8 7.77 26.57 10.19
C MLY B 8 6.70 20.63 11.34
O MLY B 8 6.14 19.61 11.69
N MLY B 9 6.78 21.03 10.08
CA MLY B 9 6.30 20.29 8.93
CB MLY B 9 6.61 21.07 7.64
CG MLY B 9 6.20 20.43 6.38
CD MLY B 9 6.50 21.30 5.21
CE MLY B 9 5.22 21.89 4.63
NZ MLY B 9 5.56 22.93 3.59
CH1 MLY B 9 5.94 22.28 2.31
CH2 MLY B 9 4.40 23.82 3.38
C MLY B 9 6.96 18.90 8.92
O MLY B 9 6.25 17.91 8.86
N MET B 10 8.27 18.83 9.05
CA MET B 10 8.98 17.57 9.00
C MET B 10 8.58 16.67 10.15
N MLY B 11 8.27 17.28 11.29
CA MLY B 11 7.80 16.48 12.40
CB MLY B 11 7.64 17.28 13.71
CG MLY B 11 7.21 16.43 14.91
CD MLY B 11 8.31 15.56 15.52
CE MLY B 11 7.85 14.15 15.85
NZ MLY B 11 7.57 13.27 14.65
C MLY B 11 6.48 15.78 12.01
O MLY B 11 6.37 14.59 12.24
N TYR B 12 5.48 16.46 11.44
CA TYR B 12 4.20 15.75 11.19
C TYR B 12 4.30 14.83 9.92
N LEU B 13 5.14 15.20 8.96
CA LEU B 13 5.24 14.41 7.73
C LEU B 13 5.86 13.04 7.95
N GLU B 14 6.61 12.88 9.03
CA GLU B 14 7.08 11.57 9.43
C GLU B 14 5.98 10.56 9.78
N ASN B 15 4.77 11.02 10.14
CA ASN B 15 3.66 10.15 10.38
C ASN B 15 3.18 9.41 9.11
N LEU B 16 3.68 9.78 7.94
CA LEU B 16 3.39 9.11 6.68
C LEU B 16 4.29 7.90 6.38
N VAL B 17 5.36 7.73 7.16
CA VAL B 17 6.32 6.65 6.91
C VAL B 17 6.58 5.86 8.19
N GLY B 18 6.99 4.60 8.02
CA GLY B 18 7.40 3.82 9.12
C GLY B 18 6.27 3.33 10.02
N MLY B 19 6.70 2.82 11.17
CA MLY B 19 5.84 2.23 12.18
CB MLY B 19 4.88 3.28 12.81
CG MLY B 19 5.53 4.62 13.24
CD MLY B 19 6.53 4.45 14.33
CE MLY B 19 6.91 5.79 15.07
NZ MLY B 19 8.09 5.70 16.08
CH1 MLY B 19 7.95 4.49 16.93
CH2 MLY B 19 8.12 6.91 16.92
C MLY B 19 5.05 1.05 11.58
O MLY B 19 3.85 0.93 11.78
N THR B 20 5.74 0.20 10.89
CA THR B 20 5.13 -0.86 10.12
C THR B 20 5.03 -2.13 10.94
N PRO B 21 4.21 -3.08 10.52
CA PRO B 21 4.10 -4.32 11.26
C PRO B 21 5.34 -5.18 11.17
N MET B 22 5.66 -5.81 12.31
CA MET B 22 6.62 -6.87 12.39
C MET B 22 5.81 -8.14 12.53
N LEU B 23 6.09 -9.07 11.64
CA LEU B 23 5.40 -10.34 11.63
C LEU B 23 6.31 -11.49 12.09
N GLU B 24 5.74 -12.44 12.82
CA GLU B 24 6.39 -13.70 13.10
C GLU B 24 5.76 -14.73 12.23
N LEU B 25 6.56 -15.25 11.30
CA LEU B 25 6.04 -16.23 10.34
C LEU B 25 6.54 -17.59 10.66
N ILE B 26 5.62 -18.53 10.88
CA ILE B 26 5.97 -19.92 11.22
C ILE B 26 5.82 -20.70 9.93
N PHE B 27 6.76 -21.61 9.66
CA PHE B 27 6.68 -22.45 8.48
C PHE B 27 7.36 -23.79 8.74
N ASP B 28 7.06 -24.77 7.90
CA ASP B 28 7.76 -26.04 7.93
C ASP B 28 8.86 -26.03 6.85
N TYR B 29 10.05 -26.48 7.20
CA TYR B 29 11.10 -26.66 6.23
C TYR B 29 11.66 -28.09 6.33
N MLY B 30 11.31 -28.94 5.36
CA MLY B 30 11.78 -30.33 5.23
CB MLY B 30 13.03 -30.40 4.33
CG MLY B 30 14.37 -30.01 4.98
CD MLY B 30 15.49 -29.66 3.91
CE MLY B 30 15.95 -30.87 3.11
NZ MLY B 30 17.19 -30.52 2.22
CH1 MLY B 30 18.43 -31.02 2.87
CH2 MLY B 30 17.04 -31.13 0.88
C MLY B 30 11.99 -31.18 6.48
O MLY B 30 13.11 -31.51 6.80
N GLY B 31 10.96 -31.50 7.26
CA GLY B 31 9.82 -30.67 7.60
C GLY B 31 9.99 -30.44 9.13
N GLU B 32 10.87 -29.50 9.50
CA GLU B 32 11.03 -28.95 10.89
C GLU B 32 10.20 -27.65 11.01
N GLU B 33 9.68 -27.36 12.21
CA GLU B 33 9.05 -26.09 12.46
C GLU B 33 10.14 -25.00 12.54
N ARG B 34 10.00 -23.96 11.72
CA ARG B 34 10.90 -22.80 11.74
C ARG B 34 10.10 -21.50 11.90
N ARG B 35 10.76 -20.44 12.31
CA ARG B 35 10.16 -19.11 12.29
C ARG B 35 11.13 -18.10 11.83
N ILE B 36 10.60 -17.04 11.25
CA ILE B 36 11.39 -15.88 10.81
C ILE B 36 10.57 -14.62 11.12
N PHE B 37 11.25 -13.53 11.44
CA PHE B 37 10.64 -12.26 11.73
C PHE B 37 10.82 -11.32 10.55
N VAL B 38 9.76 -10.65 10.14
CA VAL B 38 9.79 -9.78 8.96
C VAL B 38 9.04 -8.46 9.14
N MLY B 39 9.63 -7.38 8.62
CA MLY B 39 8.98 -6.08 8.56
CB MLY B 39 9.99 -4.93 8.78
CG MLY B 39 10.61 -4.86 10.17
CD MLY B 39 9.65 -4.33 11.27
CE MLY B 39 9.60 -2.82 11.24
NZ MLY B 39 8.59 -2.30 12.18
C MLY B 39 8.24 -5.92 7.23
O MLY B 39 8.82 -6.10 6.15
N ASN B 40 6.96 -5.56 7.33
CA ASN B 40 6.13 -5.43 6.17
C ASN B 40 6.10 -3.94 5.71
N GLU B 41 6.93 -3.61 4.73
CA GLU B 41 7.16 -2.22 4.40
C GLU B 41 6.22 -1.64 3.35
N SER B 42 5.15 -2.36 3.03
CA SER B 42 4.10 -1.84 2.16
C SER B 42 3.29 -0.74 2.87
N TYR B 43 3.36 -0.74 4.20
CA TYR B 43 2.58 0.17 5.00
C TYR B 43 3.23 1.59 5.12
N ASN B 44 3.43 2.20 3.97
CA ASN B 44 4.19 3.40 3.78
C ASN B 44 3.54 4.23 2.71
N LEU B 45 3.82 5.53 2.72
CA LEU B 45 3.24 6.52 1.70
C LEU B 45 3.02 6.03 0.29
N THR B 46 4.06 5.52 -0.34
CA THR B 46 3.95 5.00 -1.71
C THR B 46 4.11 3.48 -1.76
N GLY B 47 4.07 2.83 -0.61
CA GLY B 47 4.11 1.36 -0.57
C GLY B 47 5.46 0.64 -0.47
N SER B 48 6.51 1.35 -0.12
CA SER B 48 7.79 0.71 0.01
C SER B 48 8.64 1.26 1.13
N ILE B 49 9.63 0.45 1.49
CA ILE B 49 10.67 0.85 2.43
C ILE B 49 11.42 2.13 2.04
N LYS B 50 11.40 2.46 0.73
CA LYS B 50 12.08 3.64 0.25
CA LYS B 50 12.09 3.64 0.23
C LYS B 50 11.45 4.95 0.67
N ASP B 51 10.18 4.93 1.01
CA ASP B 51 9.62 6.15 1.57
C ASP B 51 10.38 6.64 2.83
N ARG B 52 10.81 5.69 3.69
CA ARG B 52 11.53 6.07 4.93
C ARG B 52 12.82 6.79 4.62
N MET B 53 13.50 6.30 3.56
CA MET B 53 14.77 6.83 3.11
C MET B 53 14.65 8.18 2.40
N ALA B 54 13.66 8.34 1.55
CA ALA B 54 13.44 9.60 0.85
C ALA B 54 13.07 10.69 1.82
N PHE B 55 12.17 10.38 2.73
CA PHE B 55 11.79 11.35 3.70
C PHE B 55 13.03 11.75 4.51
N TYR B 56 13.77 10.75 5.04
CA TYR B 56 14.91 11.06 5.94
C TYR B 56 15.96 11.92 5.20
N THR B 57 16.25 11.52 3.95
CA THR B 57 17.21 12.20 3.10
C THR B 57 16.85 13.68 2.91
N LEU B 58 15.59 13.97 2.55
CA LEU B 58 15.18 15.37 2.38
C LEU B 58 15.07 16.15 3.66
N MLY B 59 14.59 15.53 4.72
CA MLY B 59 14.59 16.19 6.04
CB MLY B 59 14.01 15.26 7.08
CG MLY B 59 14.08 15.85 8.50
CD MLY B 59 13.26 14.97 9.46
CE MLY B 59 13.79 15.05 10.88
NZ MLY B 59 12.89 15.08 12.09
CH1 MLY B 59 11.61 14.35 11.81
CH2 MLY B 59 13.56 14.48 13.25
C MLY B 59 16.02 16.63 6.51
O MLY B 59 16.21 17.74 7.01
N MLY B 60 16.97 15.74 6.40
CA MLY B 60 18.34 16.05 6.75
CB MLY B 60 19.23 14.82 6.83
CG MLY B 60 20.53 15.13 7.53
CD MLY B 60 21.34 13.89 7.97
CE MLY B 60 22.44 14.27 8.96
NZ MLY B 60 23.18 13.04 9.43
CH1 MLY B 60 24.65 13.27 9.35
CH2 MLY B 60 22.79 12.72 10.82
C MLY B 60 18.94 17.09 5.78
O MLY B 60 19.65 17.98 6.22
N ALA B 61 18.68 16.95 4.48
CA ALA B 61 19.15 17.92 3.50
C ALA B 61 18.64 19.32 3.80
N TYR B 62 17.38 19.45 4.16
CA TYR B 62 16.81 20.72 4.67
C TYR B 62 17.51 21.26 5.92
N GLU B 63 17.66 20.42 6.92
CA GLU B 63 18.37 20.77 8.16
C GLU B 63 19.79 21.27 7.94
N MLY B 64 20.53 20.66 7.02
CA MLY B 64 21.90 21.05 6.69
CB MLY B 64 22.73 19.79 6.37
CG MLY B 64 22.82 18.81 7.53
CD MLY B 64 24.05 19.06 8.40
CE MLY B 64 24.25 18.03 9.53
NZ MLY B 64 24.89 18.64 10.73
C MLY B 64 22.02 22.02 5.50
O MLY B 64 23.12 22.20 4.98
N ASN B 65 20.93 22.64 5.07
CA ASN B 65 20.94 23.62 3.99
C ASN B 65 21.57 23.14 2.67
N GLU B 66 21.31 21.87 2.32
CA GLU B 66 21.87 21.25 1.11
C GLU B 66 20.89 21.32 -0.08
N ILE B 67 19.67 21.80 0.15
CA ILE B 67 18.66 21.90 -0.91
C ILE B 67 17.88 23.20 -0.72
N MLY B 68 17.66 23.90 -1.81
CA MLY B 68 16.87 25.11 -1.74
CB MLY B 68 17.39 26.13 -2.75
CG MLY B 68 18.80 26.64 -2.50
CD MLY B 68 19.10 27.79 -3.43
CE MLY B 68 20.50 28.35 -3.19
NZ MLY B 68 20.69 29.64 -3.92
C MLY B 68 15.41 24.82 -2.06
O MLY B 68 15.10 23.85 -2.76
N MLY B 69 14.55 25.71 -1.60
CA MLY B 69 13.13 25.63 -1.90
CB MLY B 69 12.37 26.74 -1.14
CG MLY B 69 12.44 26.58 0.38
CD MLY B 69 11.97 27.82 1.13
CE MLY B 69 10.46 27.98 0.98
NZ MLY B 69 9.99 29.08 1.87
C MLY B 69 12.92 25.70 -3.41
O MLY B 69 13.58 26.48 -4.12
N GLY B 70 12.07 24.80 -3.91
CA GLY B 70 11.85 24.66 -5.35
C GLY B 70 12.98 24.08 -6.20
N ALA B 71 14.11 23.72 -5.60
CA ALA B 71 15.18 23.08 -6.38
C ALA B 71 14.74 21.70 -6.94
N PRO B 72 15.18 21.31 -8.16
CA PRO B 72 14.80 20.00 -8.63
C PRO B 72 15.53 18.89 -7.87
N ILE B 73 14.80 17.80 -7.63
CA ILE B 73 15.37 16.58 -7.07
C ILE B 73 15.52 15.66 -8.25
N VAL B 74 16.73 15.16 -8.46
CA VAL B 74 17.03 14.32 -9.60
C VAL B 74 17.73 13.02 -9.14
N GLU B 75 17.23 11.88 -9.59
CA GLU B 75 17.71 10.61 -9.05
C GLU B 75 17.63 9.53 -10.09
N ALA B 76 18.45 8.52 -9.90
CA ALA B 76 18.36 7.36 -10.74
C ALA B 76 17.90 6.20 -9.89
N THR B 77 17.06 5.32 -10.45
CA THR B 77 16.34 4.34 -9.65
C THR B 77 16.06 3.07 -10.40
N SER B 78 15.91 1.97 -9.66
CA SER B 78 15.24 0.79 -10.13
C SER B 78 13.68 0.87 -9.99
N GLY B 79 13.12 1.96 -9.43
CA GLY B 79 11.64 2.10 -9.30
C GLY B 79 11.20 2.72 -7.98
N ASN B 80 11.38 2.02 -6.86
CA ASN B 80 10.79 2.47 -5.60
C ASN B 80 11.29 3.77 -5.01
N THR B 81 12.60 3.96 -5.10
CA THR B 81 13.22 5.19 -4.66
C THR B 81 12.77 6.39 -5.52
N GLY B 82 12.68 6.16 -6.83
CA GLY B 82 12.09 7.17 -7.72
C GLY B 82 10.66 7.55 -7.38
N ILE B 83 9.84 6.52 -7.12
CA ILE B 83 8.48 6.72 -6.71
C ILE B 83 8.46 7.48 -5.39
N ALA B 84 9.31 7.10 -4.45
CA ALA B 84 9.35 7.72 -3.13
C ALA B 84 9.75 9.19 -3.17
N PHE B 85 10.83 9.51 -3.92
CA PHE B 85 11.25 10.90 -4.08
C PHE B 85 10.26 11.72 -4.90
N SER B 86 9.57 11.10 -5.84
CA SER B 86 8.54 11.78 -6.59
C SER B 86 7.38 12.27 -5.68
N ALA B 87 6.92 11.38 -4.81
CA ALA B 87 5.81 11.72 -3.90
C ALA B 87 6.23 12.72 -2.86
N MET B 88 7.33 12.49 -2.17
CA MET B 88 7.78 13.36 -1.12
C MET B 88 8.31 14.72 -1.64
N GLY B 89 8.98 14.69 -2.77
CA GLY B 89 9.28 15.91 -3.47
C GLY B 89 8.07 16.73 -3.86
N ALA B 90 7.02 16.10 -4.36
CA ALA B 90 5.80 16.83 -4.70
C ALA B 90 5.19 17.45 -3.44
N ILE B 91 5.17 16.71 -2.33
CA ILE B 91 4.67 17.24 -1.06
C ILE B 91 5.42 18.49 -0.62
N LEU B 92 6.74 18.48 -0.80
CA LEU B 92 7.60 19.57 -0.35
C LEU B 92 7.80 20.67 -1.42
N GLY B 93 7.14 20.55 -2.56
CA GLY B 93 7.15 21.62 -3.58
C GLY B 93 8.32 21.56 -4.53
N HIS B 94 8.90 20.37 -4.76
CA HIS B 94 10.01 20.20 -5.69
C HIS B 94 9.61 19.52 -7.00
N PRO B 95 10.07 20.08 -8.14
CA PRO B 95 10.09 19.29 -9.35
C PRO B 95 11.03 18.08 -9.17
N VAL B 96 10.63 16.95 -9.76
CA VAL B 96 11.39 15.73 -9.64
C VAL B 96 11.64 15.17 -11.02
N ILE B 97 12.86 14.73 -11.23
CA ILE B 97 13.25 14.12 -12.51
C ILE B 97 13.94 12.81 -12.21
N ILE B 98 13.48 11.76 -12.84
CA ILE B 98 13.89 10.39 -12.52
C ILE B 98 14.38 9.73 -13.80
N TYR B 99 15.58 9.18 -13.72
CA TYR B 99 16.12 8.30 -14.74
C TYR B 99 16.06 6.87 -14.28
N MET B 100 15.52 6.01 -15.13
CA MET B 100 15.29 4.64 -14.79
C MET B 100 15.59 3.74 -16.03
N PRO B 101 16.25 2.59 -15.84
CA PRO B 101 16.31 1.63 -16.92
C PRO B 101 14.97 1.15 -17.46
N ASP B 102 14.90 0.99 -18.78
CA ASP B 102 13.64 0.70 -19.48
C ASP B 102 13.11 -0.69 -19.33
N TRP B 103 13.84 -1.56 -18.66
CA TRP B 103 13.35 -2.92 -18.47
C TRP B 103 12.74 -3.14 -17.02
N MET B 104 12.67 -2.08 -16.21
CA MET B 104 11.89 -2.18 -14.94
C MET B 104 10.39 -2.26 -15.27
N SER B 105 9.61 -2.87 -14.38
CA SER B 105 8.16 -3.01 -14.60
C SER B 105 7.49 -1.72 -15.09
N GLU B 106 6.54 -1.88 -16.01
CA GLU B 106 5.72 -0.77 -16.56
C GLU B 106 4.98 -0.01 -15.45
N GLU B 107 4.60 -0.71 -14.39
CA GLU B 107 3.94 -0.08 -13.27
C GLU B 107 4.80 0.97 -12.64
N ARG B 108 6.10 0.75 -12.60
CA ARG B 108 6.99 1.74 -11.99
C ARG B 108 7.02 3.05 -12.77
N MLY B 109 7.03 2.93 -14.11
CA MLY B 109 7.04 4.15 -14.96
CB MLY B 109 7.25 3.77 -16.45
CG MLY B 109 7.10 4.96 -17.44
CD MLY B 109 6.99 4.45 -18.90
CE MLY B 109 7.00 5.54 -19.98
NZ MLY B 109 6.83 4.87 -21.31
C MLY B 109 5.75 4.94 -14.79
O MLY B 109 5.80 6.15 -14.65
N SER B 110 4.60 4.26 -14.86
CA SER B 110 3.30 4.91 -14.68
C SER B 110 3.16 5.59 -13.36
N LEU B 111 3.61 4.92 -12.29
CA LEU B 111 3.58 5.52 -10.96
C LEU B 111 4.38 6.83 -10.83
N ILE B 112 5.61 6.80 -11.30
CA ILE B 112 6.48 8.00 -11.22
C ILE B 112 5.84 9.21 -11.96
N ARG B 113 5.27 8.94 -13.11
CA ARG B 113 4.55 9.98 -13.89
C ARG B 113 3.28 10.43 -13.13
N SER B 114 2.55 9.51 -12.51
CA SER B 114 1.33 9.88 -11.73
C SER B 114 1.65 10.87 -10.62
N PHE B 115 2.84 10.77 -10.03
CA PHE B 115 3.26 11.71 -9.00
C PHE B 115 3.79 13.04 -9.55
N GLY B 116 3.71 13.23 -10.86
CA GLY B 116 4.06 14.53 -11.49
C GLY B 116 5.53 14.69 -11.77
N ALA B 117 6.30 13.64 -11.61
CA ALA B 117 7.75 13.67 -11.94
C ALA B 117 7.93 13.50 -13.44
N MLY B 118 9.03 14.01 -13.96
CA MLY B 118 9.50 13.67 -15.30
CB MLY B 118 10.42 14.77 -15.83
CG MLY B 118 10.79 14.61 -17.32
CD MLY B 118 12.05 15.46 -17.70
CE MLY B 118 11.72 16.94 -17.90
NZ MLY B 118 12.73 17.88 -17.31
C MLY B 118 10.25 12.34 -15.26
O MLY B 118 11.17 12.18 -14.46
N ILE B 119 9.84 11.37 -16.07
CA ILE B 119 10.51 10.07 -16.05
C ILE B 119 11.22 9.98 -17.38
N ILE B 120 12.53 9.74 -17.34
CA ILE B 120 13.34 9.43 -18.55
C ILE B 120 13.87 7.99 -18.50
N LEU B 121 13.44 7.17 -19.44
CA LEU B 121 13.85 5.80 -19.51
C LEU B 121 15.21 5.73 -20.20
N VAL B 122 16.01 4.73 -19.83
CA VAL B 122 17.42 4.58 -20.23
C VAL B 122 17.60 3.11 -20.65
N SER B 123 17.98 2.91 -21.90
CA SER B 123 18.15 1.54 -22.43
C SER B 123 19.51 0.98 -22.08
N ARG B 124 19.60 -0.34 -22.26
CA ARG B 124 20.90 -1.07 -22.15
C ARG B 124 21.96 -0.41 -23.02
N MLY B 125 21.60 -0.12 -24.27
CA MLY B 125 22.43 0.68 -25.16
CB MLY B 125 21.66 0.98 -26.46
CG MLY B 125 21.62 -0.16 -27.50
CD MLY B 125 22.05 0.26 -28.91
CE MLY B 125 21.15 1.32 -29.52
NZ MLY B 125 21.10 1.22 -31.01
C MLY B 125 22.97 2.02 -24.57
O MLY B 125 24.16 2.34 -24.71
N GLU B 126 22.12 2.78 -23.87
CA GLU B 126 22.59 4.01 -23.21
C GLU B 126 23.31 3.81 -21.86
N GLY B 127 23.59 2.56 -21.47
CA GLY B 127 24.40 2.29 -20.24
C GLY B 127 23.61 1.89 -19.00
N GLY B 128 22.29 1.70 -19.11
CA GLY B 128 21.49 1.12 -17.98
C GLY B 128 21.56 1.90 -16.69
N PHE B 129 21.83 1.20 -15.58
CA PHE B 129 21.94 1.86 -14.25
C PHE B 129 23.08 2.86 -14.13
N LEU B 130 24.30 2.45 -14.47
CA LEU B 130 25.42 3.42 -14.44
C LEU B 130 25.14 4.62 -15.38
N GLY B 131 24.59 4.35 -16.54
CA GLY B 131 24.16 5.40 -17.48
C GLY B 131 23.08 6.35 -16.93
N SER B 132 22.13 5.76 -16.18
CA SER B 132 21.09 6.58 -15.50
C SER B 132 21.76 7.49 -14.53
N ILE B 133 22.71 6.97 -13.79
CA ILE B 133 23.40 7.77 -12.80
C ILE B 133 24.18 8.92 -13.47
N GLU B 134 24.89 8.61 -14.54
CA GLU B 134 25.62 9.67 -15.30
C GLU B 134 24.70 10.75 -15.82
N MLY B 135 23.53 10.39 -16.34
CA MLY B 135 22.55 11.40 -16.80
CA MLY B 135 22.56 11.39 -16.82
CB MLY B 135 21.43 10.76 -17.56
CB MLY B 135 21.45 10.75 -17.66
CG MLY B 135 21.89 10.17 -18.86
CG MLY B 135 21.81 10.69 -19.15
CD MLY B 135 20.83 9.26 -19.49
CD MLY B 135 21.49 9.35 -19.83
CE MLY B 135 20.70 9.36 -21.04
CE MLY B 135 22.28 9.18 -21.12
NZ MLY B 135 19.58 10.43 -21.43
NZ MLY B 135 23.54 8.39 -20.97
CH1 MLY B 135 20.20 11.77 -21.55
CH1 MLY B 135 24.51 9.13 -20.15
CH2 MLY B 135 18.94 10.06 -22.69
CH2 MLY B 135 24.12 8.10 -22.29
C MLY B 135 22.03 12.30 -15.68
O MLY B 135 21.79 13.50 -15.91
N THR B 136 21.93 11.78 -14.46
CA THR B 136 21.56 12.66 -13.30
C THR B 136 22.64 13.71 -13.07
N MLY B 137 23.90 13.30 -13.14
CA MLY B 137 25.05 14.21 -12.92
CB MLY B 137 26.38 13.43 -12.77
CG MLY B 137 26.58 12.70 -11.44
CD MLY B 137 27.69 11.63 -11.51
CE MLY B 137 27.75 10.71 -10.23
NZ MLY B 137 28.98 9.77 -9.84
CH1 MLY B 137 30.18 10.18 -10.57
CH2 MLY B 137 28.66 8.38 -10.12
C MLY B 137 25.16 15.27 -14.09
O MLY B 137 25.41 16.44 -13.84
N GLU B 138 24.95 14.84 -15.32
CA GLU B 138 24.86 15.76 -16.47
C GLU B 138 23.72 16.79 -16.27
N PHE B 139 22.54 16.33 -15.84
CA PHE B 139 21.44 17.24 -15.49
C PHE B 139 21.85 18.25 -14.40
N ALA B 140 22.60 17.79 -13.39
CA ALA B 140 23.01 18.67 -12.29
C ALA B 140 24.00 19.75 -12.73
N MLY B 141 24.95 19.37 -13.59
CA MLY B 141 25.87 20.29 -14.25
CB MLY B 141 26.80 19.46 -15.13
CG MLY B 141 27.80 20.20 -16.02
CD MLY B 141 28.26 19.30 -17.17
CE MLY B 141 29.26 19.99 -18.08
NZ MLY B 141 30.44 20.53 -17.33
C MLY B 141 25.12 21.36 -15.07
O MLY B 141 25.47 22.53 -15.02
N ASN B 142 24.08 20.94 -15.80
CA ASN B 142 23.26 21.85 -16.64
C ASN B 142 22.08 22.54 -15.93
N ASN B 143 21.87 22.17 -14.68
CA ASN B 143 20.91 22.86 -13.84
C ASN B 143 21.53 23.00 -12.43
N PRO B 144 22.36 24.02 -12.23
CA PRO B 144 23.17 24.09 -10.98
C PRO B 144 22.42 24.14 -9.62
N ASP B 145 21.11 24.42 -9.59
CA ASP B 145 20.28 24.29 -8.35
C ASP B 145 19.85 22.84 -7.91
N THR B 146 20.22 21.86 -8.71
CA THR B 146 19.77 20.49 -8.59
C THR B 146 20.18 19.88 -7.29
N TYR B 147 19.24 19.25 -6.56
CA TYR B 147 19.60 18.37 -5.40
C TYR B 147 19.72 16.90 -5.87
N LEU B 148 20.87 16.28 -5.64
CA LEU B 148 21.10 14.86 -6.00
C LEU B 148 21.06 14.03 -4.72
N PRO B 149 19.96 13.28 -4.46
CA PRO B 149 20.00 12.41 -3.27
C PRO B 149 21.11 11.34 -3.28
N SER B 150 21.56 10.96 -4.46
CA SER B 150 22.71 10.08 -4.65
C SER B 150 22.60 8.85 -3.81
N GLN B 151 21.52 8.11 -4.03
CA GLN B 151 21.24 6.99 -3.17
C GLN B 151 22.28 5.87 -3.16
N PHE B 152 22.99 5.69 -4.27
CA PHE B 152 24.00 4.63 -4.33
C PHE B 152 25.29 4.96 -3.55
N SER B 153 25.46 6.21 -3.13
CA SER B 153 26.61 6.58 -2.28
C SER B 153 26.36 7.47 -1.06
N ASN B 154 25.16 8.00 -0.89
CA ASN B 154 24.92 8.96 0.17
C ASN B 154 24.67 8.19 1.51
N LEU B 155 25.48 8.49 2.53
CA LEU B 155 25.28 8.01 3.87
C LEU B 155 23.88 8.28 4.49
N TYR B 156 23.21 9.37 4.12
CA TYR B 156 21.83 9.63 4.53
C TYR B 156 20.90 8.43 4.29
N ASN B 157 21.18 7.66 3.24
CA ASN B 157 20.43 6.46 2.90
C ASN B 157 20.55 5.40 4.01
N SER B 158 21.77 5.00 4.35
CA SER B 158 21.99 4.02 5.41
C SER B 158 21.59 4.59 6.78
N GLU B 159 21.84 5.88 6.98
CA GLU B 159 21.39 6.57 8.18
C GLU B 159 19.86 6.53 8.35
N ALA B 160 19.10 6.76 7.27
CA ALA B 160 17.62 6.57 7.32
C ALA B 160 17.20 5.27 7.99
N HIS B 161 17.89 4.20 7.64
CA HIS B 161 17.57 2.88 8.17
C HIS B 161 18.18 2.57 9.51
N TYR B 162 19.34 3.15 9.81
CA TYR B 162 19.85 3.14 11.20
C TYR B 162 18.87 3.79 12.19
N TYR B 163 18.34 4.96 11.82
CA TYR B 163 17.48 5.73 12.74
C TYR B 163 16.00 5.31 12.69
N GLY B 164 15.54 4.74 11.56
CA GLY B 164 14.14 4.40 11.35
C GLY B 164 13.87 2.94 11.57
N ILE B 165 13.80 2.20 10.47
CA ILE B 165 13.48 0.77 10.53
C ILE B 165 14.38 -0.11 11.42
N GLY B 166 15.67 0.15 11.46
CA GLY B 166 16.59 -0.63 12.28
C GLY B 166 16.31 -0.49 13.75
N LEU B 167 15.98 0.72 14.14
CA LEU B 167 15.54 0.99 15.51
C LEU B 167 14.26 0.33 15.83
N GLU B 168 13.27 0.39 14.91
CA GLU B 168 11.96 -0.32 15.16
C GLU B 168 12.21 -1.80 15.37
N ILE B 169 13.09 -2.37 14.55
CA ILE B 169 13.42 -3.79 14.62
C ILE B 169 14.06 -4.15 15.99
N VAL B 170 15.04 -3.39 16.43
CA VAL B 170 15.67 -3.66 17.72
C VAL B 170 14.62 -3.47 18.85
N ASN B 171 13.80 -2.42 18.82
CA ASN B 171 12.79 -2.25 19.84
C ASN B 171 11.75 -3.34 19.84
N GLU B 172 11.35 -3.80 18.68
CA GLU B 172 10.31 -4.84 18.63
C GLU B 172 10.86 -6.19 19.12
N MET B 173 12.05 -6.55 18.74
CA MET B 173 12.60 -7.86 19.17
C MET B 173 12.90 -7.87 20.73
N MLY B 174 13.29 -6.71 21.24
CA MLY B 174 13.57 -6.54 22.65
CB MLY B 174 14.26 -5.20 22.87
CG MLY B 174 14.25 -4.70 24.33
CD MLY B 174 15.23 -3.55 24.58
CE MLY B 174 15.04 -3.02 26.02
NZ MLY B 174 16.28 -2.46 26.70
CH1 MLY B 174 15.91 -1.81 27.98
CH2 MLY B 174 16.96 -1.51 25.82
C MLY B 174 12.25 -6.70 23.43
O MLY B 174 12.24 -7.33 24.48
N SER B 175 11.12 -6.20 22.87
CA SER B 175 9.80 -6.35 23.46
C SER B 175 9.32 -7.83 23.53
N LEU B 176 9.90 -8.68 22.72
CA LEU B 176 9.67 -10.11 22.80
C LEU B 176 10.74 -10.88 23.62
N ASN B 177 11.71 -10.19 24.22
CA ASN B 177 12.81 -10.86 24.94
C ASN B 177 13.57 -11.85 24.10
N LEU B 178 13.85 -11.46 22.85
CA LEU B 178 14.60 -12.25 21.93
C LEU B 178 15.84 -11.50 21.48
N ASN B 179 16.95 -12.22 21.50
CA ASN B 179 18.18 -11.75 20.94
C ASN B 179 18.17 -11.98 19.42
N ILE B 180 18.70 -11.04 18.68
CA ILE B 180 18.74 -11.16 17.24
C ILE B 180 20.03 -11.86 16.90
N ASP B 181 19.90 -13.01 16.24
CA ASP B 181 21.05 -13.74 15.71
C ASP B 181 21.49 -13.39 14.30
N GLY B 182 20.59 -12.91 13.47
CA GLY B 182 20.96 -12.54 12.09
C GLY B 182 19.91 -11.66 11.44
N PHE B 183 20.35 -11.02 10.37
CA PHE B 183 19.55 -10.18 9.55
C PHE B 183 20.05 -10.38 8.09
N VAL B 184 19.12 -10.47 7.16
CA VAL B 184 19.41 -10.62 5.70
C VAL B 184 18.62 -9.57 4.92
N ALA B 185 19.26 -8.92 3.96
CA ALA B 185 18.50 -8.08 2.99
C ALA B 185 19.20 -8.06 1.65
N GLY B 186 18.42 -8.26 0.59
CA GLY B 186 18.89 -7.94 -0.78
C GLY B 186 19.43 -6.51 -0.92
N VAL B 187 20.49 -6.37 -1.75
CA VAL B 187 21.19 -5.10 -1.93
C VAL B 187 20.91 -4.49 -3.30
N GLY B 188 20.45 -3.24 -3.29
CA GLY B 188 20.28 -2.42 -4.47
C GLY B 188 21.33 -1.31 -4.29
N THR B 189 21.07 -0.42 -3.36
CA THR B 189 22.05 0.55 -2.86
C THR B 189 22.86 0.07 -1.67
N GLY B 190 22.34 -0.92 -0.96
CA GLY B 190 22.90 -1.37 0.31
C GLY B 190 22.46 -0.58 1.52
N GLY B 191 21.65 0.46 1.32
CA GLY B 191 21.28 1.29 2.46
C GLY B 191 20.57 0.50 3.56
N THR B 192 19.65 -0.38 3.16
CA THR B 192 18.93 -1.27 4.04
C THR B 192 19.85 -2.15 4.89
N VAL B 193 20.70 -2.95 4.24
CA VAL B 193 21.55 -3.83 4.97
C VAL B 193 22.58 -3.09 5.87
N MET B 194 23.15 -2.00 5.37
CA MET B 194 24.15 -1.25 6.11
C MET B 194 23.54 -0.56 7.33
N GLY B 195 22.38 0.03 7.13
CA GLY B 195 21.79 0.85 8.16
C GLY B 195 21.19 0.02 9.28
N ILE B 196 20.44 -0.98 8.85
CA ILE B 196 19.87 -1.92 9.80
C ILE B 196 21.02 -2.67 10.47
N GLY B 197 21.98 -3.12 9.66
CA GLY B 197 23.15 -3.86 10.16
C GLY B 197 23.86 -3.10 11.29
N MLY B 198 24.13 -1.82 11.06
CA MLY B 198 24.75 -0.98 12.02
CB MLY B 198 24.88 0.45 11.49
CG MLY B 198 25.65 1.42 12.46
CD MLY B 198 25.62 2.82 11.86
CE MLY B 198 26.26 3.86 12.76
NZ MLY B 198 26.04 5.25 12.11
CH1 MLY B 198 27.09 6.20 12.55
CH2 MLY B 198 24.72 5.77 12.47
C MLY B 198 23.97 -0.95 13.34
O MLY B 198 24.56 -1.13 14.44
N ARG B 199 22.65 -0.77 13.25
CA ARG B 199 21.83 -0.71 14.43
C ARG B 199 21.83 -2.05 15.15
N ILE B 200 21.61 -3.13 14.43
CA ILE B 200 21.54 -4.45 15.04
C ILE B 200 22.89 -4.79 15.76
N MLY B 201 24.00 -4.58 15.09
CA MLY B 201 25.31 -4.90 15.68
CB MLY B 201 26.42 -4.84 14.65
CG MLY B 201 26.37 -5.99 13.68
CD MLY B 201 27.51 -6.98 13.84
CE MLY B 201 28.83 -6.46 13.30
NZ MLY B 201 29.64 -7.52 12.63
C MLY B 201 25.69 -4.08 16.90
O MLY B 201 26.36 -4.61 17.73
N GLU B 202 25.21 -2.84 17.02
CA GLU B 202 25.42 -2.05 18.23
C GLU B 202 24.69 -2.67 19.41
N ASN B 203 23.59 -3.39 19.16
CA ASN B 203 22.88 -4.08 20.20
C ASN B 203 23.22 -5.52 20.38
N PHE B 204 23.72 -6.15 19.33
CA PHE B 204 24.01 -7.59 19.33
C PHE B 204 25.25 -7.83 18.53
N SER B 205 26.40 -7.82 19.20
CA SER B 205 27.69 -7.67 18.47
C SER B 205 28.09 -8.94 17.75
N ASN B 206 27.52 -10.07 18.15
CA ASN B 206 27.66 -11.32 17.39
C ASN B 206 26.59 -11.60 16.32
N ALA B 207 25.57 -10.75 16.17
CA ALA B 207 24.59 -10.94 15.06
C ALA B 207 25.31 -10.98 13.72
N MLY B 208 24.90 -11.90 12.84
CA MLY B 208 25.39 -11.92 11.47
CB MLY B 208 25.39 -13.37 10.92
CG MLY B 208 26.24 -14.37 11.71
CD MLY B 208 27.76 -14.04 11.68
CE MLY B 208 28.55 -14.74 12.84
NZ MLY B 208 30.01 -15.09 12.71
CH1 MLY B 208 30.61 -15.25 14.06
CH2 MLY B 208 30.72 -14.03 11.97
C MLY B 208 24.49 -11.02 10.59
O MLY B 208 23.26 -11.15 10.63
N ILE B 209 25.10 -10.15 9.79
CA ILE B 209 24.39 -9.24 8.87
C ILE B 209 24.83 -9.60 7.49
N CYS B 210 23.91 -10.18 6.72
CA CYS B 210 24.20 -10.74 5.42
C CYS B 210 23.51 -10.01 4.25
N PRO B 211 24.29 -9.53 3.28
CA PRO B 211 23.74 -8.92 2.11
C PRO B 211 23.36 -9.99 1.16
N LEU B 212 22.35 -9.72 0.36
CA LEU B 212 21.83 -10.75 -0.52
C LEU B 212 21.85 -10.33 -1.97
N GLU B 213 22.05 -11.33 -2.85
CA GLU B 213 22.20 -11.10 -4.28
C GLU B 213 21.48 -12.15 -5.01
N PRO B 214 21.21 -11.92 -6.30
CA PRO B 214 20.66 -13.01 -7.08
C PRO B 214 21.78 -14.01 -7.48
N LEU B 215 21.47 -15.30 -7.37
CA LEU B 215 22.36 -16.36 -7.82
C LEU B 215 22.67 -16.21 -9.30
N ASN B 216 21.68 -15.79 -10.07
CA ASN B 216 21.78 -15.51 -11.52
C ASN B 216 22.71 -14.33 -11.88
N SER B 217 22.92 -13.40 -10.94
CA SER B 217 23.77 -12.19 -11.20
C SER B 217 24.58 -11.87 -9.97
N PRO B 218 25.56 -12.75 -9.64
CA PRO B 218 26.17 -12.71 -8.33
C PRO B 218 27.25 -11.66 -8.27
N THR B 219 26.81 -10.43 -8.42
CA THR B 219 27.71 -9.35 -8.43
C THR B 219 28.44 -9.12 -7.15
N LEU B 220 27.77 -9.27 -6.01
CA LEU B 220 28.48 -9.04 -4.73
C LEU B 220 29.54 -10.15 -4.44
N SER B 221 29.22 -11.40 -4.64
CA SER B 221 30.13 -12.44 -4.14
C SER B 221 31.34 -12.56 -5.10
N THR B 222 31.09 -12.33 -6.39
CA THR B 222 32.17 -12.40 -7.38
C THR B 222 32.92 -11.11 -7.48
N GLY B 223 32.23 -10.00 -7.25
CA GLY B 223 32.86 -8.69 -7.37
C GLY B 223 32.61 -8.07 -8.71
N TYR B 224 32.07 -8.82 -9.66
CA TYR B 224 31.99 -8.29 -11.04
C TYR B 224 30.90 -8.86 -11.93
N MLY B 225 30.48 -10.11 -11.73
CA MLY B 225 29.59 -10.75 -12.69
CB MLY B 225 29.46 -12.24 -12.41
CG MLY B 225 28.47 -12.98 -13.27
CD MLY B 225 28.57 -12.68 -14.75
CE MLY B 225 28.25 -13.89 -15.61
NZ MLY B 225 28.42 -13.52 -17.05
C MLY B 225 28.22 -10.08 -12.66
O MLY B 225 27.69 -9.89 -11.58
N VAL B 226 27.72 -9.72 -13.84
CA VAL B 226 26.48 -9.06 -14.08
C VAL B 226 25.74 -9.82 -15.18
N ALA B 227 24.53 -10.25 -14.86
CA ALA B 227 23.59 -10.79 -15.83
C ALA B 227 22.16 -10.34 -15.51
N MLY B 228 21.28 -10.61 -16.46
CA MLY B 228 19.86 -10.38 -16.28
CB MLY B 228 19.12 -10.70 -17.61
CG MLY B 228 19.34 -9.61 -18.68
CD MLY B 228 18.49 -9.94 -19.91
CE MLY B 228 18.82 -9.11 -21.13
NZ MLY B 228 17.84 -9.34 -22.26
CH1 MLY B 228 18.25 -8.56 -23.44
CH2 MLY B 228 17.79 -10.78 -22.59
C MLY B 228 19.26 -11.24 -15.15
O MLY B 228 19.60 -12.41 -14.99
N HIS B 229 18.37 -10.63 -14.35
CA HIS B 229 17.68 -11.37 -13.30
C HIS B 229 16.36 -10.61 -13.03
N ARG B 230 15.42 -11.30 -12.41
CA ARG B 230 14.07 -10.79 -12.23
C ARG B 230 13.76 -10.30 -10.80
N ILE B 231 14.76 -10.24 -9.94
CA ILE B 231 14.59 -9.76 -8.55
C ILE B 231 14.63 -8.22 -8.55
N GLU B 232 13.53 -7.61 -8.97
CA GLU B 232 13.54 -6.18 -9.26
C GLU B 232 13.85 -5.40 -8.01
N GLY B 233 14.76 -4.45 -8.14
CA GLY B 233 15.23 -3.68 -7.05
C GLY B 233 16.59 -4.01 -6.49
N ILE B 234 17.09 -5.20 -6.71
CA ILE B 234 18.43 -5.49 -6.20
C ILE B 234 19.37 -5.75 -7.37
N SER B 235 20.68 -5.67 -7.09
CA SER B 235 21.74 -6.06 -8.00
C SER B 235 21.57 -5.27 -9.26
N ASN B 236 21.86 -3.97 -9.15
CA ASN B 236 21.63 -3.01 -10.24
C ASN B 236 22.89 -2.83 -11.12
N GLU B 237 23.56 -3.94 -11.45
CA GLU B 237 24.69 -3.97 -12.41
C GLU B 237 26.04 -3.45 -11.95
N PHE B 238 26.20 -3.21 -10.66
CA PHE B 238 27.44 -2.76 -10.07
C PHE B 238 27.27 -2.89 -8.56
N ILE B 239 28.39 -2.79 -7.86
CA ILE B 239 28.41 -2.80 -6.43
C ILE B 239 28.41 -1.36 -6.03
N PRO B 240 27.36 -0.92 -5.32
CA PRO B 240 27.29 0.47 -4.89
C PRO B 240 28.32 0.84 -3.83
N ASP B 241 28.81 2.09 -3.91
CA ASP B 241 29.79 2.54 -2.94
C ASP B 241 29.30 2.50 -1.51
N LEU B 242 27.98 2.68 -1.32
CA LEU B 242 27.42 2.66 0.03
C LEU B 242 27.61 1.34 0.75
N VAL B 243 27.55 0.23 0.05
CA VAL B 243 27.66 -1.09 0.71
C VAL B 243 29.15 -1.42 0.94
N MLY B 244 29.49 -1.87 2.17
CA MLY B 244 30.88 -2.23 2.53
CB MLY B 244 31.42 -1.37 3.71
CG MLY B 244 31.42 0.14 3.49
CD MLY B 244 32.17 0.58 2.17
CE MLY B 244 32.10 2.11 1.92
NZ MLY B 244 33.30 2.84 1.21
CH1 MLY B 244 32.79 3.95 0.34
CH2 MLY B 244 34.06 1.88 0.41
C MLY B 244 30.91 -3.68 2.87
O MLY B 244 30.71 -4.10 4.02
N LEU B 245 31.19 -4.48 1.85
CA LEU B 245 31.17 -5.94 1.95
C LEU B 245 32.14 -6.51 2.95
N ASP B 246 33.28 -5.87 3.09
CA ASP B 246 34.27 -6.21 4.13
C ASP B 246 33.77 -5.99 5.56
N MLY B 247 32.82 -5.06 5.78
CA MLY B 247 32.23 -4.89 7.12
CB MLY B 247 32.02 -3.39 7.45
CG MLY B 247 33.16 -2.48 6.97
CD MLY B 247 33.22 -1.07 7.57
CE MLY B 247 33.84 -0.94 8.99
NZ MLY B 247 33.30 0.18 9.84
C MLY B 247 30.90 -5.69 7.30
O MLY B 247 30.24 -5.51 8.29
N LEU B 248 30.50 -6.54 6.36
CA LEU B 248 29.28 -7.35 6.52
C LEU B 248 29.69 -8.79 6.58
N ASP B 249 28.77 -9.66 6.98
CA ASP B 249 29.06 -11.07 6.97
C ASP B 249 28.83 -11.58 5.54
N ASN B 250 28.85 -12.88 5.35
CA ASN B 250 28.88 -13.44 4.02
C ASN B 250 27.63 -13.18 3.21
N VAL B 251 27.87 -13.07 1.92
CA VAL B 251 26.84 -12.92 0.92
C VAL B 251 25.98 -14.17 0.88
N VAL B 252 24.69 -13.93 0.76
CA VAL B 252 23.70 -14.98 0.54
C VAL B 252 23.20 -14.76 -0.90
N SER B 253 23.05 -15.85 -1.65
CA SER B 253 22.67 -15.81 -3.08
C SER B 253 21.46 -16.67 -3.30
N VAL B 254 20.45 -16.09 -3.92
CA VAL B 254 19.15 -16.76 -4.09
C VAL B 254 18.78 -16.71 -5.56
N ASP B 255 18.33 -17.84 -6.08
CA ASP B 255 17.92 -17.89 -7.46
C ASP B 255 16.60 -17.11 -7.65
N ASP B 256 16.50 -16.35 -8.74
CA ASP B 256 15.35 -15.51 -8.93
C ASP B 256 14.00 -16.26 -9.09
N GLY B 257 14.03 -17.47 -9.65
CA GLY B 257 12.85 -18.37 -9.63
C GLY B 257 12.43 -18.84 -8.25
N ASP B 258 13.40 -19.10 -7.38
CA ASP B 258 13.18 -19.45 -5.98
C ASP B 258 12.54 -18.28 -5.22
N ALA B 259 13.04 -17.08 -5.49
CA ALA B 259 12.48 -15.83 -4.97
C ALA B 259 11.04 -15.64 -5.43
N ILE B 260 10.77 -15.82 -6.73
CA ILE B 260 9.41 -15.78 -7.22
C ILE B 260 8.44 -16.76 -6.54
N VAL B 261 8.86 -18.02 -6.37
CA VAL B 261 8.04 -19.00 -5.84
C VAL B 261 7.75 -18.62 -4.38
N MET B 262 8.78 -18.23 -3.65
CA MET B 262 8.58 -17.83 -2.30
C MET B 262 7.56 -16.65 -2.17
N ALA B 263 7.67 -15.65 -3.06
CA ALA B 263 6.75 -14.51 -3.09
C ALA B 263 5.35 -14.97 -3.38
N GLN B 264 5.22 -15.92 -4.30
CA GLN B 264 3.88 -16.47 -4.60
C GLN B 264 3.29 -17.17 -3.42
N MLY B 265 4.10 -17.98 -2.75
CA MLY B 265 3.65 -18.65 -1.53
CB MLY B 265 4.70 -19.58 -0.99
CG MLY B 265 4.96 -20.83 -1.88
CD MLY B 265 5.90 -21.73 -1.11
CE MLY B 265 6.19 -23.06 -1.81
NZ MLY B 265 5.26 -24.25 -1.74
CH1 MLY B 265 6.06 -25.50 -1.60
CH2 MLY B 265 4.34 -24.11 -0.62
C MLY B 265 3.26 -17.65 -0.46
O MLY B 265 2.25 -17.84 0.21
N LEU B 266 4.05 -16.59 -0.28
CA LEU B 266 3.70 -15.60 0.75
C LEU B 266 2.34 -14.99 0.40
N ALA B 267 2.09 -14.73 -0.88
CA ALA B 267 0.79 -14.16 -1.25
C ALA B 267 -0.38 -15.09 -0.96
N MLY B 268 -0.18 -16.39 -1.15
CA MLY B 268 -1.21 -17.33 -0.79
CB MLY B 268 -0.98 -18.69 -1.51
CG MLY B 268 -1.28 -18.66 -3.00
CD MLY B 268 -0.55 -19.81 -3.70
CE MLY B 268 -1.41 -21.03 -3.96
NZ MLY B 268 -1.99 -21.09 -5.35
C MLY B 268 -1.39 -17.53 0.72
O MLY B 268 -2.36 -18.17 1.09
N CYS B 269 -0.53 -17.00 1.59
CA CYS B 269 -0.88 -16.88 3.01
C CYS B 269 -1.23 -15.42 3.34
N GLY B 270 -1.61 -14.62 2.34
CA GLY B 270 -2.17 -13.27 2.65
C GLY B 270 -1.21 -12.13 2.66
N LEU B 271 0.03 -12.39 2.30
CA LEU B 271 1.09 -11.44 2.31
C LEU B 271 1.55 -11.21 0.85
N GLY B 272 0.94 -10.16 0.26
CA GLY B 272 1.15 -9.80 -1.15
C GLY B 272 2.39 -8.96 -1.22
N VAL B 273 3.49 -9.56 -1.63
CA VAL B 273 4.78 -8.94 -1.56
C VAL B 273 5.46 -8.94 -2.93
N GLY B 274 6.42 -8.05 -3.09
CA GLY B 274 7.25 -8.03 -4.30
C GLY B 274 8.24 -9.17 -4.34
N ILE B 275 8.97 -9.25 -5.44
CA ILE B 275 9.89 -10.36 -5.68
C ILE B 275 11.09 -10.37 -4.74
N SER B 276 11.62 -9.21 -4.46
CA SER B 276 12.74 -9.12 -3.50
C SER B 276 12.35 -9.55 -2.08
N SER B 277 11.04 -9.50 -1.76
CA SER B 277 10.54 -9.99 -0.47
C SER B 277 10.67 -11.50 -0.41
N GLY B 278 10.30 -12.15 -1.51
CA GLY B 278 10.51 -13.59 -1.63
C GLY B 278 11.98 -13.99 -1.48
N ALA B 279 12.85 -13.25 -2.15
CA ALA B 279 14.25 -13.48 -2.03
C ALA B 279 14.74 -13.33 -0.60
N ASN B 280 14.33 -12.26 0.05
CA ASN B 280 14.76 -12.04 1.42
C ASN B 280 14.32 -13.13 2.31
N PHE B 281 13.10 -13.65 2.09
CA PHE B 281 12.59 -14.74 2.93
C PHE B 281 13.50 -15.97 2.81
N ILE B 282 13.80 -16.36 1.57
CA ILE B 282 14.72 -17.47 1.32
C ILE B 282 16.08 -17.25 1.93
N GLY B 283 16.60 -16.02 1.81
CA GLY B 283 17.86 -15.65 2.41
C GLY B 283 17.90 -15.82 3.93
N ALA B 284 16.81 -15.41 4.58
CA ALA B 284 16.72 -15.51 6.02
C ALA B 284 16.82 -16.98 6.45
N LEU B 285 16.13 -17.83 5.70
CA LEU B 285 16.17 -19.24 5.94
C LEU B 285 17.58 -19.79 5.74
N MET B 286 18.24 -19.40 4.67
CA MET B 286 19.63 -19.83 4.42
C MET B 286 20.56 -19.46 5.59
N LEU B 287 20.44 -18.24 6.10
CA LEU B 287 21.19 -17.90 7.29
C LEU B 287 20.79 -18.69 8.57
N GLN B 288 19.50 -18.93 8.75
CA GLN B 288 18.98 -19.71 9.87
C GLN B 288 19.59 -21.13 9.78
N ASN B 289 19.60 -21.70 8.57
CA ASN B 289 20.22 -23.03 8.32
C ASN B 289 21.70 -23.08 8.77
N MLY B 290 22.44 -22.00 8.57
CA MLY B 290 23.82 -21.93 9.08
CB MLY B 290 24.61 -20.89 8.33
CG MLY B 290 24.68 -21.19 6.85
CD MLY B 290 25.73 -20.38 6.12
CE MLY B 290 25.53 -18.86 6.20
NZ MLY B 290 25.83 -18.18 4.89
CH1 MLY B 290 24.76 -18.48 3.89
CH2 MLY B 290 25.93 -16.71 5.09
C MLY B 290 23.94 -21.66 10.59
O MLY B 290 24.87 -22.18 11.22
N LEU B 291 23.05 -20.85 11.16
CA LEU B 291 23.20 -20.48 12.58
C LEU B 291 22.53 -21.42 13.58
N GLY B 292 21.60 -22.24 13.11
CA GLY B 292 20.82 -23.09 14.01
C GLY B 292 19.35 -22.88 13.77
N MLY B 293 18.63 -23.98 13.81
CA MLY B 293 17.20 -24.01 13.48
CB MLY B 293 16.62 -25.43 13.54
CG MLY B 293 16.62 -26.14 14.89
CD MLY B 293 15.96 -27.53 14.77
CE MLY B 293 16.65 -28.56 13.80
NZ MLY B 293 17.33 -29.70 14.52
C MLY B 293 16.34 -23.09 14.33
O MLY B 293 15.29 -22.66 13.84
N ASP B 294 16.77 -22.80 15.56
CA ASP B 294 16.05 -21.87 16.44
C ASP B 294 16.68 -20.51 16.50
N SER B 295 17.63 -20.19 15.64
CA SER B 295 18.20 -18.85 15.65
C SER B 295 17.14 -17.83 15.21
N VAL B 296 17.31 -16.63 15.71
CA VAL B 296 16.36 -15.53 15.54
C VAL B 296 16.88 -14.71 14.37
N ILE B 297 16.24 -14.88 13.23
CA ILE B 297 16.58 -14.16 12.02
C ILE B 297 15.45 -13.16 11.64
N VAL B 298 15.87 -11.97 11.26
CA VAL B 298 15.01 -10.88 10.85
C VAL B 298 15.29 -10.53 9.40
N THR B 299 14.22 -10.24 8.65
CA THR B 299 14.38 -9.61 7.34
C THR B 299 13.27 -8.60 7.08
N VAL B 300 13.18 -8.09 5.85
CA VAL B 300 12.22 -7.09 5.45
C VAL B 300 11.56 -7.47 4.10
N PHE B 301 10.31 -7.06 3.95
CA PHE B 301 9.56 -7.17 2.73
C PHE B 301 9.43 -5.73 2.20
N PRO B 302 10.24 -5.37 1.19
CA PRO B 302 10.34 -3.97 0.80
C PRO B 302 9.10 -3.34 0.19
N ASP B 303 8.26 -4.12 -0.51
CA ASP B 303 7.06 -3.59 -1.15
C ASP B 303 6.03 -4.64 -1.38
N ASP B 304 4.86 -4.27 -1.87
CA ASP B 304 3.79 -5.24 -2.10
C ASP B 304 3.87 -5.82 -3.52
N ASN B 305 2.90 -6.62 -3.90
CA ASN B 305 2.86 -7.24 -5.24
C ASN B 305 2.21 -6.42 -6.38
N MLY B 306 1.71 -5.24 -6.05
CA MLY B 306 0.90 -4.49 -7.00
CB MLY B 306 0.16 -3.35 -6.35
CG MLY B 306 -0.89 -3.81 -5.32
CD MLY B 306 -1.81 -2.67 -4.99
CE MLY B 306 -2.89 -3.04 -4.00
NZ MLY B 306 -2.35 -3.47 -2.67
C MLY B 306 1.69 -4.02 -8.22
O MLY B 306 1.14 -4.04 -9.32
N MLY B 307 2.98 -3.72 -8.05
CA MLY B 307 3.78 -3.28 -9.18
CB MLY B 307 4.93 -2.40 -8.70
CG MLY B 307 4.48 -1.09 -8.03
CD MLY B 307 5.62 -0.09 -7.82
CE MLY B 307 6.77 -0.66 -7.03
NZ MLY B 307 6.47 -1.04 -5.65
C MLY B 307 4.34 -4.45 -10.03
O MLY B 307 5.14 -4.21 -10.91
N TYR B 308 3.92 -5.70 -9.77
CA TYR B 308 4.53 -6.87 -10.32
C TYR B 308 3.49 -7.73 -11.03
N LEU B 309 2.31 -7.17 -11.28
CA LEU B 309 1.26 -7.88 -11.94
C LEU B 309 1.65 -8.15 -13.41
N SER B 310 2.50 -7.30 -14.00
CA SER B 310 3.01 -7.49 -15.35
C SER B 310 4.21 -8.44 -15.48
N THR B 311 4.66 -9.12 -14.42
CA THR B 311 5.96 -9.80 -14.38
C THR B 311 5.75 -11.26 -14.16
N ASP B 312 6.83 -12.03 -14.08
CA ASP B 312 6.72 -13.46 -13.82
C ASP B 312 6.15 -13.87 -12.45
N LEU B 313 6.05 -12.91 -11.52
CA LEU B 313 5.37 -13.17 -10.25
C LEU B 313 3.99 -13.76 -10.49
N MET B 314 3.34 -13.32 -11.54
CA MET B 314 1.99 -13.77 -11.91
C MET B 314 1.94 -14.95 -12.88
N ARG B 315 3.06 -15.63 -13.14
CA ARG B 315 3.07 -16.77 -14.06
C ARG B 315 3.60 -17.98 -13.33
N GLU B 316 3.33 -19.16 -13.86
CA GLU B 316 3.82 -20.37 -13.23
C GLU B 316 5.35 -20.48 -13.43
N GLU B 317 6.08 -20.69 -12.33
CA GLU B 317 7.55 -20.72 -12.36
C GLU B 317 7.95 -22.15 -12.28
N MLY B 318 8.91 -22.59 -13.11
CA MLY B 318 9.47 -23.94 -13.02
CB MLY B 318 10.37 -24.27 -14.20
CG MLY B 318 10.72 -25.76 -14.33
CD MLY B 318 12.04 -25.92 -15.10
CE MLY B 318 12.51 -27.40 -15.21
NZ MLY B 318 13.80 -27.58 -14.49
C MLY B 318 10.31 -24.13 -11.75
O MLY B 318 11.25 -23.39 -11.49
N VAL B 319 9.99 -25.16 -10.98
CA VAL B 319 10.71 -25.49 -9.78
C VAL B 319 11.97 -26.26 -10.13
N MLY B 320 13.11 -25.83 -9.62
CA MLY B 320 14.36 -26.53 -9.83
CB MLY B 320 15.46 -25.59 -10.35
CG MLY B 320 15.08 -24.94 -11.64
CD MLY B 320 16.17 -24.01 -12.18
CE MLY B 320 15.76 -23.50 -13.57
NZ MLY B 320 16.27 -22.17 -14.06
CH1 MLY B 320 17.59 -21.88 -13.45
CH2 MLY B 320 16.38 -22.19 -15.54
C MLY B 320 14.81 -27.21 -8.54
O MLY B 320 14.35 -26.88 -7.43
N GLU B 321 15.76 -28.12 -8.73
CA GLU B 321 16.18 -29.08 -7.74
C GLU B 321 16.85 -28.42 -6.55
N ASP B 322 17.52 -27.31 -6.76
CA ASP B 322 18.19 -26.59 -5.68
C ASP B 322 17.32 -25.49 -5.05
N PHE B 323 16.08 -25.26 -5.49
CA PHE B 323 15.19 -24.26 -4.80
C PHE B 323 14.91 -24.61 -3.35
N LEU B 324 15.09 -23.67 -2.44
CA LEU B 324 14.64 -23.89 -1.05
C LEU B 324 13.15 -23.82 -0.96
N SER B 325 12.52 -23.04 -1.83
CA SER B 325 11.07 -22.84 -1.76
C SER B 325 10.28 -24.11 -1.85
N MLY B 326 10.80 -25.11 -2.56
CA MLY B 326 10.04 -26.33 -2.77
CB MLY B 326 10.64 -27.17 -3.90
CG MLY B 326 11.92 -27.86 -3.52
CD MLY B 326 12.80 -28.25 -4.72
CE MLY B 326 13.39 -29.66 -4.51
NZ MLY B 326 14.44 -29.98 -3.39
CH1 MLY B 326 13.94 -31.06 -2.53
CH2 MLY B 326 14.71 -28.77 -2.60
C MLY B 326 9.84 -27.17 -1.52
O MLY B 326 8.92 -27.97 -1.50
N ASP B 327 10.67 -26.97 -0.49
CA ASP B 327 10.55 -27.66 0.79
C ASP B 327 9.93 -26.80 1.89
N ILE B 328 9.32 -25.65 1.52
CA ILE B 328 8.78 -24.72 2.48
C ILE B 328 7.29 -24.80 2.38
N THR B 329 6.62 -24.96 3.51
CA THR B 329 5.18 -24.82 3.63
C THR B 329 4.96 -23.77 4.70
N LEU B 330 4.31 -22.66 4.34
CA LEU B 330 3.98 -21.62 5.33
C LEU B 330 2.87 -22.15 6.22
N MLY B 331 2.96 -21.95 7.53
CA MLY B 331 1.94 -22.47 8.45
CB MLY B 331 2.55 -23.23 9.62
CG MLY B 331 3.41 -24.45 9.24
CD MLY B 331 2.56 -25.66 8.96
CE MLY B 331 2.52 -26.13 7.51
NZ MLY B 331 1.42 -27.16 7.33
C MLY B 331 1.06 -21.38 9.00
O MLY B 331 -0.13 -21.52 9.00
N GLU B 332 1.66 -20.33 9.57
CA GLU B 332 0.84 -19.26 10.13
C GLU B 332 1.60 -18.02 10.41
N ILE B 333 0.82 -16.94 10.46
CA ILE B 333 1.26 -15.71 11.06
C ILE B 333 0.99 -15.88 12.55
N MLY B 334 2.08 -16.00 13.28
CA MLY B 334 2.08 -16.37 14.70
CB MLY B 334 3.32 -17.23 14.99
CG MLY B 334 3.53 -17.75 16.42
CD MLY B 334 2.32 -18.55 16.89
CE MLY B 334 2.74 -19.74 17.75
NZ MLY B 334 3.25 -19.34 19.08
C MLY B 334 2.01 -15.19 15.65
O MLY B 334 1.65 -15.37 16.82
N ASN B 335 2.40 -14.02 15.16
CA ASN B 335 2.32 -12.77 15.90
C ASN B 335 2.49 -11.60 14.92
N VAL B 336 1.94 -10.46 15.27
CA VAL B 336 2.15 -9.21 14.59
C VAL B 336 2.32 -8.20 15.70
N LEU B 337 3.42 -7.45 15.66
CA LEU B 337 3.65 -6.30 16.51
C LEU B 337 3.55 -5.04 15.69
N ARG B 338 3.07 -3.98 16.32
CA ARG B 338 2.96 -2.67 15.72
C ARG B 338 3.13 -1.67 16.84
N VAL B 339 4.23 -0.93 16.84
CA VAL B 339 4.61 -0.10 18.01
C VAL B 339 4.23 1.37 17.80
N1 PLP C . -14.22 2.96 -3.18
C2 PLP C . -13.53 1.79 -3.29
C2A PLP C . -12.30 1.83 -4.13
C3 PLP C . -13.98 0.61 -2.63
O3 PLP C . -13.31 -0.57 -2.77
C4 PLP C . -15.16 0.65 -1.92
C4A PLP C . -15.77 -0.54 -1.23
C5 PLP C . -15.84 1.86 -1.81
C6 PLP C . -15.37 3.00 -2.43
C5A PLP C . -17.13 1.94 -1.04
O4P PLP C . -17.14 1.62 0.36
P PLP C . -18.45 1.03 1.08
O1P PLP C . -19.54 1.97 0.69
O2P PLP C . -18.69 -0.33 0.46
O3P PLP C . -18.04 0.91 2.51
O 0JO D . -16.57 -4.91 -3.27
C 0JO D . -16.11 -3.87 -2.90
OXT 0JO D . -14.91 -3.67 -2.80
CA 0JO D . -17.00 -2.66 -2.67
CB 0JO D . -18.36 -2.67 -2.94
N 0JO D . -16.18 -1.44 -2.60
C4A 0JO D . -16.35 -0.32 -2.03
C4 0JO D . -15.42 0.84 -2.38
C3 0JO D . -14.13 0.81 -2.92
O3 0JO D . -13.49 -0.38 -3.23
C2 0JO D . -13.51 2.05 -3.21
C2A 0JO D . -12.15 2.12 -3.87
N1 0JO D . -14.10 3.21 -2.92
C6 0JO D . -15.30 3.25 -2.36
C5 0JO D . -15.98 2.07 -2.07
C5A 0JO D . -17.37 2.17 -1.46
OP4 0JO D . -17.27 1.89 -0.11
P 0JO D . -18.49 1.22 0.73
OP3 0JO D . -19.64 1.99 0.31
OP1 0JO D . -18.22 1.24 2.09
OP2 0JO D . -18.63 -0.14 0.13
C1 PEG E . 4.28 22.74 -0.55
O1 PEG E . 3.41 23.39 0.41
C2 PEG E . 3.88 22.97 -2.01
O2 PEG E . 3.17 21.89 -2.65
C3 PEG E . 2.77 22.26 -3.98
C4 PEG E . 2.54 21.05 -4.89
O4 PEG E . 3.49 21.10 -5.98
N1 PLP F . 13.88 -4.34 -3.11
C2 PLP F . 13.16 -3.31 -3.69
C2A PLP F . 11.82 -3.61 -4.30
C3 PLP F . 13.68 -2.02 -3.69
O3 PLP F . 12.99 -0.98 -4.26
C4 PLP F . 14.96 -1.81 -3.17
C4A PLP F . 15.60 -0.46 -3.21
C5 PLP F . 15.68 -2.85 -2.58
C6 PLP F . 15.15 -4.12 -2.55
C5A PLP F . 17.06 -2.55 -2.02
O4P PLP F . 17.15 -1.68 -0.86
P PLP F . 18.52 -0.92 -0.60
O1P PLP F . 18.66 0.03 -1.76
O2P PLP F . 18.25 -0.23 0.69
O3P PLP F . 19.58 -1.98 -0.67
O 0JO G . 14.33 1.87 -5.86
C 0JO G . 15.54 1.84 -6.02
OXT 0JO G . 16.09 2.64 -6.71
CA 0JO G . 16.35 0.76 -5.31
CB 0JO G . 17.72 0.70 -5.46
N 0JO G . 15.59 -0.25 -4.57
C4A 0JO G . 16.09 -1.16 -3.76
C4 0JO G . 15.14 -2.33 -3.42
C3 0JO G . 13.79 -2.55 -3.81
O3 0JO G . 12.98 -1.76 -4.59
C2 0JO G . 13.15 -3.69 -3.41
C2A 0JO G . 11.72 -3.83 -3.91
N1 0JO G . 13.77 -4.60 -2.64
C6 0JO G . 15.01 -4.44 -2.25
C5 0JO G . 15.72 -3.31 -2.62
C5A 0JO G . 17.19 -3.18 -2.15
OP4 0JO G . 17.27 -2.33 -1.01
P 0JO G . 18.44 -1.32 -0.92
OP3 0JO G . 18.35 -0.59 -2.19
OP1 0JO G . 18.31 -0.49 0.26
OP2 0JO G . 19.65 -2.18 -0.97
C1 PEG H . 13.44 8.99 11.94
O1 PEG H . 14.84 9.29 11.84
C2 PEG H . 13.05 8.44 13.32
O2 PEG H . 12.33 7.20 13.18
C3 PEG H . 12.23 6.45 14.43
C4 PEG H . 11.66 5.01 14.28
O4 PEG H . 10.50 4.84 13.40
#